data_7RMH
#
_entry.id   7RMH
#
_cell.length_a   1.00
_cell.length_b   1.00
_cell.length_c   1.00
_cell.angle_alpha   90.00
_cell.angle_beta   90.00
_cell.angle_gamma   90.00
#
_symmetry.space_group_name_H-M   'P 1'
#
loop_
_entity.id
_entity.type
_entity.pdbx_description
1 polymer 'Guanine nucleotide-binding protein G(s) subunit alpha isoforms short'
2 polymer 'Guanine nucleotide-binding protein G(I)/G(S)/G(T) subunit beta-1'
3 polymer 'Guanine nucleotide-binding protein G(I)/G(S)/G(O) subunit gamma-2'
4 polymer 'Nanobody 35'
5 polymer 'Substance-P receptor'
6 polymer 'Substance P'
#
loop_
_entity_poly.entity_id
_entity_poly.type
_entity_poly.pdbx_seq_one_letter_code
_entity_poly.pdbx_strand_id
1 'polypeptide(L)'
;NSKTEDQRNEEKAQREANKKIEKQLQKDKQVYRATHRLLLLGADNSGKSTIVKQMRILHGGSGGSGGTSGIFETKFQVDK
VNFHMFDVGGQRDERRKWIQCFNDVTAIIFVVDSSDYNRLQEALNLFKSIWNNRWLRTISVILFLNKQDLLAEKVLAGKS
KIEDYFPEFARYTTPEDATPEPGEDPRVTRAKYFIRDEFLRISTASGDGRHYCYPHFTCAVDTENARRIFNDCRDIIQRM
HLRQYELL
;
A
2 'polypeptide(L)'
;MHHHHHHLEVLFQGPEDQVDPRLIDGKGSSGSELDQLRQEAEQLKNQIRDARKACADATLSQITNNIDPVGRIQMRTRRT
LRGHLAKIYAMHWGTDSRLLVSASQDGKLIIWDSYTTNKVHAIPLRSSWVMTCAYAPSGNYVACGGLDNICSIYNLKTRE
GNVRVSRELAGHTGYLSCCRFLDDNQIVTSSGDTTCALWDIETGQQTTTFTGHTGDVMSLSLAPDTRLFVSGACDASAKL
WDVREGMCRQTFTGHESDINAICFFPNGNAFATGSDDATCRLFDLRADQELMTYSHDNIICGITSVSFSKSGRLLLAGYD
DFNCNVWDALKADRAGVLAGHDNRVSCLGVTDDGMAVATGSWDSFLKIWN
;
B
3 'polypeptide(L)' MASNNTASIAQARKLVEQLKMEANIDRIKVSKAAADLMAYCEAHAKEDPLLTPVPASENPFREKKFFC G
4 'polypeptide(L)'
;QVQLQESGGGLVQPGGSLRLSCAASGFTFSNYKMNWVRQAPGKGLEWVSDISQSGASISYTGSVKGRFTISRDNAKNTLY
LQMNSLKPEDTAVYYCARCPAPFTRDCFDVTSTTYAYRGQGTQVTVSSGSEDQVDPRLIDGK
;
N
5 'polypeptide(L)'
;DYKDDDDASIDMDNVLPVDSDLSPNISTNTSEPNQFVQPAWQIVLWAAAYTVIVVTSVVGNVVVMWIILAHKRMRTVTNY
FLVNLAFAEASMAAFNTVVNFTYAVHNEWYYGLFYCKFHNFFPIAAVFASIYSMTAVAFDRYMAIIHPLQPRLSATATKV
VICVIWVLALLLAFPQGYYSTTETMPSRVVCMIEWPEHPNKIYEKVYHICVTVLIYFLPLLVIGYAYTVVGITLWASEIP
GDSSDRYHEQVSAKRKVVKMMIVVVCTFAICWLPFHIFFLLPYINPDLYLKKFIQQVYLAIMWLAMSSTMYNPIIYCCLN
DRFRLGFKHAFRCCPFISAGDYEGLEMKSTRYLQTQGSVYKVSRLETTISTVVGAHEEEPEDGPKATPSSLDLTSNCSSR
SDSKTMTESFSFSSNVLS
;
R
6 'polypeptide(L)' RPKPQQFFGLM(NH2) S
#
loop_
_chem_comp.id
_chem_comp.type
_chem_comp.name
_chem_comp.formula
NH2 non-polymer 'AMINO GROUP' 'H2 N'
#
# COMPACT_ATOMS: atom_id res chain seq x y z
N ASN A 9 -17.85 28.12 24.31
CA ASN A 9 -17.65 27.66 25.68
C ASN A 9 -16.72 26.46 25.72
N GLU A 10 -17.29 25.26 25.79
CA GLU A 10 -16.51 24.03 25.81
C GLU A 10 -15.95 23.66 24.44
N GLU A 11 -16.53 24.20 23.37
CA GLU A 11 -16.03 23.89 22.03
C GLU A 11 -14.73 24.65 21.73
N LYS A 12 -14.50 25.76 22.43
CA LYS A 12 -13.28 26.54 22.21
C LYS A 12 -12.06 25.84 22.79
N ALA A 13 -12.23 25.14 23.92
CA ALA A 13 -11.12 24.42 24.51
C ALA A 13 -10.78 23.17 23.72
N GLN A 14 -11.77 22.60 23.02
CA GLN A 14 -11.50 21.45 22.17
C GLN A 14 -10.72 21.84 20.92
N ARG A 15 -11.03 23.01 20.36
CA ARG A 15 -10.31 23.49 19.18
C ARG A 15 -8.89 23.90 19.51
N GLU A 16 -8.67 24.41 20.73
CA GLU A 16 -7.33 24.82 21.13
C GLU A 16 -6.42 23.63 21.36
N ALA A 17 -6.95 22.54 21.93
CA ALA A 17 -6.15 21.35 22.13
C ALA A 17 -5.92 20.60 20.81
N ASN A 18 -6.85 20.77 19.86
CA ASN A 18 -6.72 20.11 18.56
C ASN A 18 -5.57 20.70 17.77
N LYS A 19 -5.42 22.03 17.80
CA LYS A 19 -4.40 22.70 17.00
C LYS A 19 -3.00 22.43 17.55
N LYS A 20 -2.89 22.12 18.84
CA LYS A 20 -1.60 21.72 19.38
C LYS A 20 -1.23 20.30 18.95
N ILE A 21 -2.23 19.45 18.74
CA ILE A 21 -1.99 18.07 18.31
C ILE A 21 -1.52 18.04 16.86
N GLU A 22 -2.19 18.80 15.97
CA GLU A 22 -1.83 18.75 14.55
C GLU A 22 -0.50 19.43 14.27
N LYS A 23 -0.02 20.28 15.19
CA LYS A 23 1.30 20.88 15.00
C LYS A 23 2.40 19.85 15.22
N GLN A 24 2.42 19.23 16.41
CA GLN A 24 3.48 18.30 16.78
C GLN A 24 3.51 17.07 15.87
N LEU A 25 2.32 16.57 15.50
CA LEU A 25 2.20 15.48 14.54
C LEU A 25 2.85 15.82 13.20
N GLN A 26 2.73 17.09 12.78
CA GLN A 26 3.38 17.52 11.55
C GLN A 26 4.90 17.42 11.67
N LYS A 27 5.43 17.74 12.85
CA LYS A 27 6.87 17.57 13.10
C LYS A 27 7.25 16.10 13.03
N ASP A 28 6.35 15.20 13.46
CA ASP A 28 6.57 13.77 13.30
C ASP A 28 6.63 13.37 11.84
N LYS A 29 5.82 14.02 10.99
CA LYS A 29 5.89 13.75 9.56
C LYS A 29 7.20 14.29 8.97
N GLN A 30 7.86 15.21 9.67
CA GLN A 30 9.17 15.66 9.21
C GLN A 30 10.25 14.62 9.47
N VAL A 31 10.05 13.71 10.42
CA VAL A 31 11.12 12.75 10.74
C VAL A 31 10.81 11.33 10.28
N TYR A 32 9.54 10.92 10.27
CA TYR A 32 9.17 9.58 9.82
C TYR A 32 9.43 9.40 8.33
N ARG A 33 9.34 10.49 7.56
CA ARG A 33 9.68 10.43 6.14
C ARG A 33 11.19 10.51 5.91
N ALA A 34 11.96 10.88 6.92
CA ALA A 34 13.39 11.07 6.74
C ALA A 34 14.22 9.83 7.09
N THR A 35 13.57 8.74 7.49
CA THR A 35 14.26 7.51 7.84
C THR A 35 13.66 6.34 7.06
N HIS A 36 14.48 5.32 6.82
CA HIS A 36 14.09 4.17 6.02
C HIS A 36 14.17 2.91 6.86
N ARG A 37 13.16 2.06 6.73
CA ARG A 37 13.04 0.84 7.51
C ARG A 37 13.46 -0.36 6.68
N LEU A 38 14.41 -1.12 7.18
CA LEU A 38 14.88 -2.35 6.55
C LEU A 38 14.55 -3.52 7.46
N LEU A 39 14.17 -4.66 6.86
CA LEU A 39 13.87 -5.87 7.63
C LEU A 39 14.97 -6.88 7.39
N LEU A 40 15.77 -7.15 8.42
CA LEU A 40 16.83 -8.16 8.34
C LEU A 40 16.26 -9.52 8.68
N LEU A 41 16.62 -10.53 7.89
CA LEU A 41 16.04 -11.86 8.05
C LEU A 41 17.01 -12.90 7.52
N GLY A 42 16.94 -14.09 8.10
CA GLY A 42 17.85 -15.16 7.72
C GLY A 42 17.60 -16.38 8.57
N ALA A 43 18.61 -17.22 8.69
CA ALA A 43 18.54 -18.44 9.47
C ALA A 43 19.48 -18.36 10.68
N ASP A 44 19.38 -19.37 11.54
CA ASP A 44 20.22 -19.42 12.74
C ASP A 44 21.66 -19.70 12.39
N ASN A 45 21.90 -20.52 11.36
CA ASN A 45 23.26 -20.81 10.92
C ASN A 45 23.89 -19.63 10.19
N SER A 46 23.08 -18.78 9.56
CA SER A 46 23.60 -17.59 8.88
C SER A 46 24.07 -16.56 9.90
N GLY A 47 25.16 -15.88 9.58
CA GLY A 47 25.72 -14.90 10.48
C GLY A 47 25.07 -13.54 10.40
N LYS A 48 23.75 -13.47 10.63
CA LYS A 48 23.08 -12.17 10.58
C LYS A 48 23.37 -11.35 11.83
N SER A 49 23.75 -12.00 12.94
CA SER A 49 24.12 -11.26 14.14
C SER A 49 25.50 -10.63 14.02
N THR A 50 26.39 -11.19 13.22
CA THR A 50 27.69 -10.57 13.02
C THR A 50 27.60 -9.33 12.12
N ILE A 51 26.58 -9.27 11.27
CA ILE A 51 26.39 -8.10 10.42
C ILE A 51 25.94 -6.89 11.25
N VAL A 52 24.98 -7.10 12.15
CA VAL A 52 24.39 -5.96 12.86
C VAL A 52 25.31 -5.39 13.92
N LYS A 53 26.35 -6.13 14.32
CA LYS A 53 27.31 -5.59 15.29
C LYS A 53 28.27 -4.60 14.65
N GLN A 54 28.53 -4.72 13.35
CA GLN A 54 29.52 -3.87 12.69
C GLN A 54 29.03 -2.44 12.49
N MET A 55 27.76 -2.26 12.09
CA MET A 55 27.21 -0.91 12.02
C MET A 55 26.89 -0.34 13.40
N ARG A 56 26.67 -1.20 14.38
CA ARG A 56 26.41 -0.73 15.74
C ARG A 56 27.71 -0.34 16.44
N GLY A 70 12.61 -9.61 22.69
CA GLY A 70 11.60 -9.31 21.69
C GLY A 70 12.20 -8.97 20.33
N ILE A 71 12.30 -7.67 20.04
CA ILE A 71 12.79 -7.18 18.77
C ILE A 71 14.07 -6.40 19.02
N PHE A 72 15.14 -6.78 18.34
CA PHE A 72 16.40 -6.04 18.38
C PHE A 72 16.41 -5.00 17.26
N GLU A 73 16.94 -3.83 17.57
CA GLU A 73 16.94 -2.71 16.63
C GLU A 73 18.36 -2.17 16.48
N THR A 74 18.69 -1.71 15.28
CA THR A 74 19.98 -1.12 15.00
C THR A 74 19.81 0.16 14.18
N LYS A 75 20.40 1.24 14.65
CA LYS A 75 20.38 2.52 13.96
C LYS A 75 21.77 2.84 13.45
N PHE A 76 21.88 3.12 12.16
CA PHE A 76 23.17 3.52 11.61
C PHE A 76 22.98 4.63 10.57
N GLN A 77 23.91 5.57 10.54
CA GLN A 77 23.84 6.73 9.68
C GLN A 77 24.97 6.67 8.65
N VAL A 78 24.61 6.78 7.37
CA VAL A 78 25.59 6.86 6.30
C VAL A 78 25.16 7.95 5.33
N ASP A 79 26.13 8.82 4.97
CA ASP A 79 25.93 9.97 4.07
C ASP A 79 24.81 10.90 4.54
N LYS A 80 24.77 11.11 5.86
CA LYS A 80 23.75 11.89 6.57
C LYS A 80 22.33 11.37 6.33
N VAL A 81 22.20 10.06 6.10
CA VAL A 81 20.91 9.39 6.00
C VAL A 81 20.87 8.32 7.07
N ASN A 82 19.79 8.31 7.86
CA ASN A 82 19.65 7.39 8.98
C ASN A 82 18.82 6.18 8.59
N PHE A 83 19.29 5.00 8.97
CA PHE A 83 18.62 3.74 8.71
C PHE A 83 18.34 3.04 10.03
N HIS A 84 17.14 2.46 10.14
CA HIS A 84 16.68 1.76 11.34
C HIS A 84 16.25 0.37 10.92
N MET A 85 17.05 -0.64 11.28
CA MET A 85 16.87 -2.01 10.80
C MET A 85 16.59 -2.93 11.97
N PHE A 86 15.63 -3.84 11.77
CA PHE A 86 14.98 -4.58 12.86
C PHE A 86 15.26 -6.07 12.71
N ASP A 87 16.08 -6.61 13.60
CA ASP A 87 16.26 -8.05 13.74
C ASP A 87 15.17 -8.57 14.67
N VAL A 88 14.18 -9.26 14.11
CA VAL A 88 13.02 -9.70 14.88
C VAL A 88 13.07 -11.21 15.07
N GLY A 89 12.95 -11.63 16.33
CA GLY A 89 12.48 -12.96 16.65
C GLY A 89 12.23 -13.11 18.14
N GLY A 90 11.00 -13.47 18.49
CA GLY A 90 10.64 -13.80 19.85
C GLY A 90 9.51 -14.81 19.86
N GLN A 91 9.15 -15.30 18.68
CA GLN A 91 7.94 -16.07 18.45
C GLN A 91 8.29 -17.51 18.08
N ARG A 92 7.26 -18.26 17.70
CA ARG A 92 7.41 -19.67 17.35
C ARG A 92 7.96 -19.81 15.94
N ASP A 93 7.91 -21.04 15.41
CA ASP A 93 8.43 -21.29 14.06
C ASP A 93 7.50 -20.74 12.98
N GLU A 94 6.20 -20.63 13.27
CA GLU A 94 5.25 -20.13 12.29
C GLU A 94 5.39 -18.62 12.12
N ARG A 95 5.47 -18.17 10.86
CA ARG A 95 5.71 -16.76 10.57
C ARG A 95 4.80 -16.24 9.47
N ARG A 96 3.72 -16.94 9.16
CA ARG A 96 2.85 -16.54 8.05
C ARG A 96 1.84 -15.47 8.43
N LYS A 97 1.82 -15.01 9.69
CA LYS A 97 0.86 -14.02 10.13
C LYS A 97 1.48 -12.67 10.45
N TRP A 98 2.61 -12.63 11.16
CA TRP A 98 3.22 -11.36 11.48
C TRP A 98 4.08 -10.80 10.35
N ILE A 99 4.37 -11.60 9.31
CA ILE A 99 5.16 -11.12 8.18
C ILE A 99 4.36 -10.13 7.33
N GLN A 100 3.05 -10.05 7.51
CA GLN A 100 2.25 -9.00 6.89
C GLN A 100 2.46 -7.64 7.55
N CYS A 101 3.12 -7.58 8.72
CA CYS A 101 3.36 -6.31 9.37
C CYS A 101 4.42 -5.48 8.63
N PHE A 102 5.33 -6.14 7.92
CA PHE A 102 6.41 -5.46 7.23
C PHE A 102 6.05 -5.25 5.77
N ASN A 103 5.01 -4.46 5.56
CA ASN A 103 4.52 -4.12 4.22
C ASN A 103 5.12 -2.85 3.66
N ASP A 104 5.41 -1.87 4.51
CA ASP A 104 5.90 -0.57 4.06
C ASP A 104 7.41 -0.42 4.18
N VAL A 105 8.14 -1.53 4.36
CA VAL A 105 9.59 -1.44 4.51
C VAL A 105 10.23 -1.15 3.16
N THR A 106 11.42 -0.54 3.21
CA THR A 106 12.14 -0.22 1.98
C THR A 106 12.73 -1.48 1.35
N ALA A 107 13.37 -2.33 2.16
CA ALA A 107 14.04 -3.51 1.63
C ALA A 107 14.07 -4.61 2.67
N ILE A 108 14.24 -5.83 2.19
CA ILE A 108 14.41 -7.01 3.04
C ILE A 108 15.81 -7.55 2.83
N ILE A 109 16.61 -7.58 3.88
CA ILE A 109 17.99 -8.08 3.83
C ILE A 109 17.96 -9.56 4.15
N PHE A 110 18.14 -10.40 3.14
CA PHE A 110 18.08 -11.85 3.29
C PHE A 110 19.50 -12.40 3.35
N VAL A 111 19.84 -13.05 4.47
CA VAL A 111 21.19 -13.56 4.70
C VAL A 111 21.18 -15.08 4.55
N VAL A 112 22.12 -15.62 3.77
CA VAL A 112 22.21 -17.05 3.50
C VAL A 112 23.60 -17.53 3.87
N ASP A 113 23.65 -18.60 4.68
CA ASP A 113 24.91 -19.31 4.92
C ASP A 113 25.18 -20.23 3.74
N SER A 114 26.24 -19.93 2.98
CA SER A 114 26.53 -20.61 1.73
C SER A 114 27.49 -21.78 1.87
N SER A 115 27.89 -22.13 3.09
CA SER A 115 28.76 -23.27 3.32
C SER A 115 28.01 -24.51 3.77
N ASP A 116 26.68 -24.45 3.87
CA ASP A 116 25.86 -25.58 4.29
C ASP A 116 24.86 -25.89 3.20
N TYR A 117 25.14 -26.94 2.41
CA TYR A 117 24.23 -27.32 1.33
C TYR A 117 23.02 -28.09 1.82
N ASN A 118 23.06 -28.65 3.03
CA ASN A 118 21.90 -29.35 3.56
C ASN A 118 20.79 -28.38 3.93
N ARG A 119 21.14 -27.20 4.43
CA ARG A 119 20.17 -26.19 4.82
C ARG A 119 19.90 -25.17 3.72
N LEU A 120 20.50 -25.33 2.55
CA LEU A 120 20.35 -24.34 1.48
C LEU A 120 19.00 -24.47 0.78
N GLN A 121 18.42 -25.68 0.77
CA GLN A 121 17.11 -25.89 0.16
C GLN A 121 16.02 -25.20 0.97
N GLU A 122 16.15 -25.19 2.30
CA GLU A 122 15.21 -24.45 3.14
C GLU A 122 15.30 -22.95 2.89
N ALA A 123 16.52 -22.45 2.66
CA ALA A 123 16.71 -21.05 2.31
C ALA A 123 16.07 -20.71 0.96
N LEU A 124 16.20 -21.61 -0.02
CA LEU A 124 15.58 -21.39 -1.32
C LEU A 124 14.05 -21.42 -1.23
N ASN A 125 13.50 -22.33 -0.42
CA ASN A 125 12.05 -22.38 -0.26
C ASN A 125 11.53 -21.15 0.49
N LEU A 126 12.29 -20.66 1.48
CA LEU A 126 11.91 -19.43 2.17
C LEU A 126 11.97 -18.23 1.23
N PHE A 127 12.97 -18.19 0.35
CA PHE A 127 13.06 -17.13 -0.65
C PHE A 127 11.89 -17.17 -1.62
N LYS A 128 11.47 -18.39 -2.01
CA LYS A 128 10.30 -18.54 -2.88
C LYS A 128 9.03 -18.05 -2.21
N SER A 129 8.84 -18.41 -0.93
CA SER A 129 7.64 -18.01 -0.21
C SER A 129 7.62 -16.51 0.05
N ILE A 130 8.79 -15.90 0.25
CA ILE A 130 8.86 -14.45 0.41
C ILE A 130 8.58 -13.75 -0.92
N TRP A 131 9.17 -14.24 -2.00
CA TRP A 131 9.08 -13.56 -3.30
C TRP A 131 7.68 -13.67 -3.90
N ASN A 132 6.97 -14.78 -3.66
CA ASN A 132 5.66 -14.98 -4.27
C ASN A 132 4.51 -14.66 -3.33
N ASN A 133 4.78 -13.98 -2.22
CA ASN A 133 3.72 -13.60 -1.30
C ASN A 133 2.90 -12.44 -1.87
N ARG A 134 1.65 -12.34 -1.42
CA ARG A 134 0.76 -11.30 -1.94
C ARG A 134 1.13 -9.93 -1.40
N TRP A 135 1.39 -9.82 -0.11
CA TRP A 135 1.71 -8.53 0.52
C TRP A 135 3.19 -8.20 0.45
N LEU A 136 4.02 -9.10 -0.08
CA LEU A 136 5.44 -8.84 -0.25
C LEU A 136 5.84 -8.90 -1.72
N ARG A 137 4.91 -8.64 -2.63
CA ARG A 137 5.15 -8.68 -4.07
C ARG A 137 5.66 -7.36 -4.62
N THR A 138 5.87 -6.36 -3.78
CA THR A 138 6.41 -5.07 -4.21
C THR A 138 7.57 -4.60 -3.35
N ILE A 139 8.07 -5.45 -2.45
CA ILE A 139 9.19 -5.10 -1.58
C ILE A 139 10.40 -5.90 -2.06
N SER A 140 11.48 -5.21 -2.39
CA SER A 140 12.64 -5.86 -2.96
C SER A 140 13.56 -6.42 -1.89
N VAL A 141 14.39 -7.37 -2.30
CA VAL A 141 15.22 -8.17 -1.41
C VAL A 141 16.68 -7.97 -1.80
N ILE A 142 17.50 -7.60 -0.82
CA ILE A 142 18.95 -7.56 -0.98
C ILE A 142 19.52 -8.85 -0.38
N LEU A 143 20.24 -9.61 -1.19
CA LEU A 143 20.67 -10.95 -0.83
C LEU A 143 22.16 -10.94 -0.48
N PHE A 144 22.50 -11.48 0.69
CA PHE A 144 23.88 -11.66 1.10
C PHE A 144 24.19 -13.14 1.21
N LEU A 145 25.32 -13.55 0.65
CA LEU A 145 25.80 -14.93 0.72
C LEU A 145 27.01 -14.93 1.65
N ASN A 146 26.76 -15.10 2.95
CA ASN A 146 27.80 -14.99 3.95
C ASN A 146 28.62 -16.28 4.03
N LYS A 147 29.71 -16.20 4.79
CA LYS A 147 30.60 -17.31 5.15
C LYS A 147 31.19 -17.99 3.91
N GLN A 148 32.03 -17.23 3.20
CA GLN A 148 32.66 -17.73 1.99
C GLN A 148 34.11 -18.16 2.17
N ASP A 149 34.76 -17.74 3.26
CA ASP A 149 36.08 -18.29 3.57
C ASP A 149 35.97 -19.79 3.91
N LEU A 150 34.89 -20.16 4.61
CA LEU A 150 34.61 -21.57 4.85
C LEU A 150 34.28 -22.29 3.55
N LEU A 151 33.63 -21.60 2.61
CA LEU A 151 33.35 -22.19 1.29
C LEU A 151 34.63 -22.48 0.53
N ALA A 152 35.59 -21.55 0.58
CA ALA A 152 36.87 -21.78 -0.09
C ALA A 152 37.65 -22.91 0.58
N GLU A 153 37.71 -22.91 1.91
CA GLU A 153 38.44 -23.94 2.64
C GLU A 153 37.74 -25.30 2.60
N LYS A 154 36.46 -25.34 2.22
CA LYS A 154 35.75 -26.61 2.07
C LYS A 154 35.81 -27.15 0.65
N VAL A 155 35.76 -26.27 -0.36
CA VAL A 155 35.87 -26.72 -1.74
C VAL A 155 37.30 -27.17 -2.05
N LEU A 156 38.30 -26.39 -1.60
CA LEU A 156 39.70 -26.74 -1.87
C LEU A 156 40.12 -28.03 -1.16
N ALA A 157 39.71 -28.21 0.09
CA ALA A 157 40.06 -29.41 0.83
C ALA A 157 39.17 -30.58 0.44
N SER A 160 32.49 -32.72 1.46
CA SER A 160 31.46 -32.76 0.43
C SER A 160 32.04 -32.38 -0.93
N LYS A 161 31.19 -32.34 -1.95
CA LYS A 161 31.62 -31.97 -3.29
C LYS A 161 30.62 -31.07 -4.00
N ILE A 162 29.58 -30.59 -3.30
CA ILE A 162 28.58 -29.64 -3.77
C ILE A 162 27.88 -30.15 -5.03
N GLU A 163 27.73 -31.47 -5.15
CA GLU A 163 26.93 -32.05 -6.22
C GLU A 163 26.11 -33.25 -5.78
N ASP A 164 26.34 -33.82 -4.59
CA ASP A 164 25.49 -34.89 -4.09
C ASP A 164 24.11 -34.39 -3.70
N TYR A 165 23.98 -33.10 -3.39
CA TYR A 165 22.70 -32.47 -3.05
C TYR A 165 22.05 -31.81 -4.25
N PHE A 166 22.83 -31.34 -5.22
CA PHE A 166 22.31 -30.71 -6.44
C PHE A 166 22.88 -31.43 -7.65
N PRO A 167 22.08 -32.23 -8.37
CA PRO A 167 22.57 -32.96 -9.55
C PRO A 167 22.52 -32.14 -10.84
N GLU A 168 23.00 -30.91 -10.77
CA GLU A 168 23.12 -30.05 -11.94
C GLU A 168 24.45 -29.33 -11.99
N PHE A 169 25.31 -29.52 -10.99
CA PHE A 169 26.62 -28.88 -10.95
C PHE A 169 27.60 -29.54 -11.92
N ALA A 170 27.32 -30.78 -12.36
CA ALA A 170 28.24 -31.50 -13.22
C ALA A 170 28.24 -30.96 -14.65
N ARG A 171 27.22 -30.19 -15.04
CA ARG A 171 27.15 -29.55 -16.35
C ARG A 171 26.85 -28.08 -16.13
N TYR A 172 27.89 -27.28 -15.90
CA TYR A 172 27.74 -25.86 -15.63
C TYR A 172 29.00 -25.14 -16.06
N THR A 173 28.83 -23.98 -16.70
CA THR A 173 29.93 -23.13 -17.11
C THR A 173 29.77 -21.74 -16.51
N THR A 174 30.89 -21.15 -16.12
CA THR A 174 30.88 -19.86 -15.45
C THR A 174 30.55 -18.74 -16.43
N PRO A 175 29.53 -17.92 -16.17
CA PRO A 175 29.18 -16.80 -17.05
C PRO A 175 30.21 -15.67 -16.99
N PRO A 182 39.59 -17.36 -6.47
CA PRO A 182 40.22 -17.45 -7.79
C PRO A 182 41.70 -17.11 -7.77
N GLY A 183 42.43 -17.62 -6.79
CA GLY A 183 43.85 -17.37 -6.70
C GLY A 183 44.67 -18.51 -7.27
N GLU A 184 44.19 -19.73 -7.09
CA GLU A 184 44.84 -20.90 -7.66
C GLU A 184 43.89 -21.86 -8.38
N ASP A 185 42.59 -21.82 -8.08
CA ASP A 185 41.63 -22.73 -8.70
C ASP A 185 40.34 -21.97 -9.01
N PRO A 186 39.82 -22.08 -10.24
CA PRO A 186 38.55 -21.45 -10.57
C PRO A 186 37.31 -22.26 -10.19
N ARG A 187 37.45 -23.32 -9.39
CA ARG A 187 36.29 -24.09 -8.98
C ARG A 187 35.42 -23.33 -8.00
N VAL A 188 36.02 -22.48 -7.16
CA VAL A 188 35.25 -21.69 -6.21
C VAL A 188 34.41 -20.64 -6.93
N THR A 189 34.90 -20.10 -8.04
CA THR A 189 34.10 -19.20 -8.86
C THR A 189 32.91 -19.93 -9.46
N ARG A 190 33.12 -21.17 -9.91
CA ARG A 190 32.04 -21.97 -10.45
C ARG A 190 30.98 -22.27 -9.40
N ALA A 191 31.40 -22.58 -8.17
CA ALA A 191 30.46 -22.85 -7.09
C ALA A 191 29.69 -21.59 -6.69
N LYS A 192 30.38 -20.46 -6.54
CA LYS A 192 29.75 -19.21 -6.13
C LYS A 192 28.74 -18.72 -7.17
N TYR A 193 29.13 -18.72 -8.44
CA TYR A 193 28.22 -18.29 -9.49
C TYR A 193 27.09 -19.28 -9.70
N PHE A 194 27.31 -20.58 -9.44
CA PHE A 194 26.21 -21.54 -9.49
C PHE A 194 25.19 -21.28 -8.40
N ILE A 195 25.65 -20.98 -7.18
CA ILE A 195 24.71 -20.71 -6.09
C ILE A 195 23.94 -19.41 -6.33
N ARG A 196 24.62 -18.36 -6.79
CA ARG A 196 23.90 -17.10 -7.03
C ARG A 196 22.99 -17.20 -8.25
N ASP A 197 23.32 -18.07 -9.21
CA ASP A 197 22.43 -18.28 -10.35
C ASP A 197 21.20 -19.08 -9.94
N GLU A 198 21.37 -20.04 -9.02
CA GLU A 198 20.23 -20.73 -8.44
C GLU A 198 19.33 -19.79 -7.65
N PHE A 199 19.92 -18.79 -7.00
CA PHE A 199 19.11 -17.79 -6.31
C PHE A 199 18.43 -16.82 -7.27
N LEU A 200 19.10 -16.48 -8.38
CA LEU A 200 18.60 -15.46 -9.30
C LEU A 200 17.59 -16.00 -10.30
N ARG A 201 17.61 -17.31 -10.59
CA ARG A 201 16.66 -17.88 -11.54
C ARG A 201 15.23 -17.77 -11.04
N ILE A 202 15.01 -18.06 -9.76
CA ILE A 202 13.67 -17.98 -9.19
C ILE A 202 13.25 -16.52 -8.98
N SER A 203 14.21 -15.61 -8.87
CA SER A 203 13.87 -14.19 -8.82
C SER A 203 13.45 -13.66 -10.18
N THR A 204 14.15 -14.06 -11.24
CA THR A 204 13.81 -13.61 -12.59
C THR A 204 12.71 -14.44 -13.23
N ALA A 205 12.25 -15.51 -12.59
CA ALA A 205 11.14 -16.30 -13.12
C ALA A 205 9.79 -15.61 -12.95
N SER A 206 9.70 -14.60 -12.10
CA SER A 206 8.44 -13.88 -11.89
C SER A 206 8.70 -12.44 -11.46
N ARG A 210 8.57 -4.46 -11.03
CA ARG A 210 7.93 -4.23 -9.73
C ARG A 210 8.96 -4.22 -8.60
N HIS A 211 9.73 -5.30 -8.50
CA HIS A 211 10.75 -5.42 -7.47
C HIS A 211 11.89 -6.30 -7.97
N TYR A 212 13.11 -5.96 -7.56
CA TYR A 212 14.32 -6.59 -8.07
C TYR A 212 15.02 -7.37 -6.95
N CYS A 213 16.17 -7.94 -7.28
CA CYS A 213 17.01 -8.64 -6.32
C CYS A 213 18.45 -8.23 -6.55
N TYR A 214 19.17 -7.93 -5.46
CA TYR A 214 20.53 -7.40 -5.54
C TYR A 214 21.48 -8.32 -4.78
N PRO A 215 22.18 -9.23 -5.46
CA PRO A 215 23.08 -10.15 -4.76
C PRO A 215 24.50 -9.60 -4.62
N HIS A 216 25.08 -9.82 -3.43
CA HIS A 216 26.44 -9.41 -3.14
C HIS A 216 27.17 -10.53 -2.43
N PHE A 217 28.49 -10.55 -2.58
CA PHE A 217 29.35 -11.49 -1.88
C PHE A 217 29.94 -10.81 -0.66
N THR A 218 29.81 -11.46 0.50
CA THR A 218 30.36 -10.92 1.74
C THR A 218 31.11 -12.00 2.49
N CYS A 219 32.08 -11.57 3.30
CA CYS A 219 32.95 -12.45 4.05
C CYS A 219 32.62 -12.36 5.53
N ALA A 220 33.46 -13.00 6.35
CA ALA A 220 33.28 -12.94 7.80
C ALA A 220 33.56 -11.53 8.34
N VAL A 221 34.63 -10.90 7.86
CA VAL A 221 34.95 -9.52 8.21
C VAL A 221 34.84 -8.65 6.96
N ASP A 222 34.03 -7.59 7.05
CA ASP A 222 33.79 -6.69 5.93
C ASP A 222 33.24 -5.39 6.48
N THR A 223 33.89 -4.27 6.15
CA THR A 223 33.48 -2.95 6.61
C THR A 223 32.93 -2.10 5.46
N GLU A 224 32.20 -2.72 4.54
CA GLU A 224 31.62 -2.01 3.40
C GLU A 224 30.19 -2.42 3.11
N ASN A 225 29.52 -3.12 4.04
CA ASN A 225 28.15 -3.56 3.79
C ASN A 225 27.16 -2.41 3.89
N ALA A 226 27.46 -1.40 4.72
CA ALA A 226 26.61 -0.23 4.83
C ALA A 226 26.58 0.56 3.52
N ARG A 227 27.72 0.66 2.84
CA ARG A 227 27.77 1.32 1.54
C ARG A 227 26.97 0.56 0.49
N ARG A 228 27.02 -0.78 0.52
CA ARG A 228 26.24 -1.59 -0.41
C ARG A 228 24.75 -1.43 -0.18
N ILE A 229 24.33 -1.42 1.09
CA ILE A 229 22.91 -1.21 1.42
C ILE A 229 22.47 0.19 1.02
N PHE A 230 23.35 1.18 1.21
CA PHE A 230 23.06 2.56 0.83
C PHE A 230 22.88 2.70 -0.67
N ASN A 231 23.79 2.10 -1.46
CA ASN A 231 23.71 2.20 -2.91
C ASN A 231 22.50 1.45 -3.47
N ASP A 232 22.20 0.27 -2.91
CA ASP A 232 21.04 -0.48 -3.38
C ASP A 232 19.73 0.22 -3.02
N CYS A 233 19.65 0.81 -1.82
CA CYS A 233 18.46 1.59 -1.47
C CYS A 233 18.33 2.84 -2.32
N ARG A 234 19.45 3.47 -2.68
CA ARG A 234 19.43 4.60 -3.60
C ARG A 234 18.87 4.20 -4.97
N ASP A 235 19.30 3.05 -5.49
CA ASP A 235 18.77 2.56 -6.76
C ASP A 235 17.29 2.20 -6.67
N ILE A 236 16.86 1.61 -5.55
CA ILE A 236 15.46 1.23 -5.37
C ILE A 236 14.56 2.47 -5.34
N ILE A 237 14.95 3.49 -4.55
CA ILE A 237 14.15 4.70 -4.44
C ILE A 237 14.17 5.49 -5.74
N GLN A 238 15.30 5.48 -6.47
CA GLN A 238 15.34 6.15 -7.77
C GLN A 238 14.43 5.48 -8.79
N ARG A 239 14.43 4.14 -8.83
CA ARG A 239 13.54 3.42 -9.74
C ARG A 239 12.07 3.59 -9.35
N MET A 240 11.78 3.74 -8.06
CA MET A 240 10.41 3.99 -7.65
C MET A 240 9.98 5.42 -8.00
N HIS A 241 10.88 6.39 -7.82
CA HIS A 241 10.57 7.79 -8.11
C HIS A 241 10.49 8.08 -9.59
N LEU A 242 11.08 7.23 -10.43
CA LEU A 242 10.94 7.40 -11.87
C LEU A 242 9.51 7.17 -12.37
N ARG A 243 8.68 6.46 -11.61
CA ARG A 243 7.32 6.17 -12.02
C ARG A 243 6.30 7.18 -11.50
N GLN A 244 6.49 7.70 -10.29
CA GLN A 244 5.51 8.60 -9.70
C GLN A 244 5.57 10.00 -10.32
N TYR A 245 6.66 10.33 -10.99
CA TYR A 245 6.82 11.61 -11.66
C TYR A 245 6.38 11.55 -13.12
N GLU A 246 5.71 10.46 -13.52
CA GLU A 246 5.14 10.26 -14.85
C GLU A 246 6.21 10.31 -15.95
N LEU A 247 7.30 9.59 -15.74
CA LEU A 247 8.36 9.48 -16.71
C LEU A 247 8.59 8.06 -17.21
N LEU A 248 7.85 7.08 -16.65
CA LEU A 248 7.96 5.66 -16.96
C LEU A 248 9.38 5.10 -16.82
N LEU B 44 -14.50 -41.90 18.84
CA LEU B 44 -15.48 -41.19 19.65
C LEU B 44 -15.99 -39.97 18.88
N LYS B 45 -15.16 -39.48 17.97
CA LYS B 45 -15.55 -38.33 17.15
C LYS B 45 -16.64 -38.70 16.15
N ASN B 46 -16.65 -39.95 15.68
CA ASN B 46 -17.69 -40.41 14.78
C ASN B 46 -19.05 -40.48 15.47
N GLN B 47 -19.07 -40.84 16.76
CA GLN B 47 -20.32 -40.81 17.52
C GLN B 47 -20.82 -39.38 17.72
N ILE B 48 -19.89 -38.44 17.91
CA ILE B 48 -20.25 -37.02 18.02
C ILE B 48 -20.84 -36.51 16.71
N ARG B 49 -20.22 -36.88 15.58
CA ARG B 49 -20.74 -36.48 14.28
C ARG B 49 -22.09 -37.12 13.98
N ASP B 50 -22.29 -38.37 14.40
CA ASP B 50 -23.58 -39.04 14.23
C ASP B 50 -24.66 -38.40 15.08
N ALA B 51 -24.32 -37.99 16.32
CA ALA B 51 -25.28 -37.30 17.18
C ALA B 51 -25.64 -35.93 16.63
N ARG B 52 -24.65 -35.21 16.08
CA ARG B 52 -24.93 -33.91 15.49
C ARG B 52 -25.72 -34.04 14.18
N LYS B 53 -25.56 -35.16 13.46
CA LYS B 53 -26.41 -35.41 12.31
C LYS B 53 -27.83 -35.76 12.73
N ALA B 54 -27.97 -36.53 13.82
CA ALA B 54 -29.28 -36.92 14.31
C ALA B 54 -30.04 -35.76 14.95
N CYS B 55 -29.33 -34.74 15.42
CA CYS B 55 -29.99 -33.56 15.96
C CYS B 55 -30.45 -32.58 14.89
N ALA B 56 -30.13 -32.83 13.62
CA ALA B 56 -30.48 -31.93 12.53
C ALA B 56 -31.81 -32.37 11.92
N ASP B 57 -32.81 -31.49 11.96
CA ASP B 57 -34.11 -31.74 11.36
C ASP B 57 -34.28 -31.06 10.01
N ALA B 58 -34.07 -29.73 9.97
CA ALA B 58 -34.23 -28.98 8.74
C ALA B 58 -33.28 -27.79 8.76
N THR B 59 -33.02 -27.25 7.56
CA THR B 59 -32.08 -26.14 7.42
C THR B 59 -32.76 -24.82 7.80
N LEU B 60 -31.92 -23.83 8.07
CA LEU B 60 -32.42 -22.51 8.44
C LEU B 60 -32.96 -21.77 7.22
N SER B 61 -32.35 -21.99 6.04
CA SER B 61 -32.77 -21.28 4.84
C SER B 61 -34.15 -21.75 4.36
N GLN B 62 -34.49 -23.01 4.58
CA GLN B 62 -35.81 -23.51 4.21
C GLN B 62 -36.90 -23.03 5.16
N ILE B 63 -36.53 -22.57 6.35
CA ILE B 63 -37.52 -22.04 7.31
C ILE B 63 -37.77 -20.56 7.12
N THR B 64 -37.05 -19.89 6.23
CA THR B 64 -37.21 -18.47 5.97
C THR B 64 -38.07 -18.19 4.74
N ASN B 65 -39.04 -19.06 4.46
CA ASN B 65 -39.88 -18.86 3.28
C ASN B 65 -40.88 -17.73 3.50
N ASN B 66 -41.54 -17.68 4.65
CA ASN B 66 -42.53 -16.67 4.96
C ASN B 66 -41.96 -15.69 5.97
N ILE B 67 -41.22 -14.70 5.45
CA ILE B 67 -40.67 -13.62 6.27
C ILE B 67 -40.46 -12.41 5.36
N ASP B 68 -40.66 -11.22 5.91
CA ASP B 68 -40.48 -10.00 5.13
C ASP B 68 -39.00 -9.73 4.89
N PRO B 69 -38.57 -9.54 3.66
CA PRO B 69 -37.15 -9.26 3.40
C PRO B 69 -36.75 -7.86 3.87
N VAL B 70 -35.44 -7.71 4.09
CA VAL B 70 -34.90 -6.43 4.54
C VAL B 70 -34.97 -5.40 3.43
N GLY B 71 -34.55 -5.77 2.22
CA GLY B 71 -34.50 -4.86 1.11
C GLY B 71 -33.12 -4.27 0.92
N ARG B 72 -33.04 -3.31 0.00
CA ARG B 72 -31.78 -2.66 -0.32
C ARG B 72 -31.37 -1.70 0.79
N ILE B 73 -30.10 -1.76 1.17
CA ILE B 73 -29.53 -0.88 2.20
C ILE B 73 -28.42 -0.08 1.57
N GLN B 74 -28.54 1.24 1.61
CA GLN B 74 -27.52 2.15 1.10
C GLN B 74 -27.04 3.05 2.24
N MET B 75 -25.73 3.10 2.43
CA MET B 75 -25.13 3.90 3.48
C MET B 75 -24.07 4.81 2.87
N ARG B 76 -23.96 6.03 3.38
CA ARG B 76 -23.04 7.02 2.87
C ARG B 76 -22.07 7.46 3.96
N THR B 77 -20.86 7.81 3.55
CA THR B 77 -19.83 8.27 4.49
C THR B 77 -20.19 9.64 5.05
N ARG B 78 -20.41 9.71 6.35
CA ARG B 78 -20.76 10.99 6.98
C ARG B 78 -19.51 11.79 7.33
N ARG B 79 -18.62 11.21 8.14
CA ARG B 79 -17.40 11.85 8.56
C ARG B 79 -16.19 11.08 8.06
N THR B 80 -15.05 11.75 8.02
CA THR B 80 -13.80 11.12 7.60
C THR B 80 -12.68 11.61 8.50
N LEU B 81 -12.01 10.69 9.17
CA LEU B 81 -10.97 11.01 10.14
C LEU B 81 -9.60 10.78 9.49
N ARG B 82 -8.77 11.81 9.45
CA ARG B 82 -7.50 11.75 8.73
C ARG B 82 -6.41 12.43 9.55
N GLY B 83 -5.71 11.65 10.37
CA GLY B 83 -4.59 12.17 11.13
C GLY B 83 -3.44 11.20 11.31
N HIS B 84 -3.56 9.99 10.77
CA HIS B 84 -2.55 8.96 10.97
C HIS B 84 -1.55 8.94 9.83
N LEU B 85 -0.36 8.43 10.13
CA LEU B 85 0.73 8.35 9.15
C LEU B 85 0.75 6.99 8.45
N ALA B 86 0.94 5.92 9.21
CA ALA B 86 1.00 4.58 8.67
C ALA B 86 -0.39 3.94 8.71
N LYS B 87 -0.45 2.62 8.50
CA LYS B 87 -1.72 1.92 8.38
C LYS B 87 -2.41 1.77 9.72
N ILE B 88 -3.70 2.10 9.77
CA ILE B 88 -4.52 1.87 10.94
C ILE B 88 -4.81 0.38 11.07
N TYR B 89 -4.56 -0.18 12.26
CA TYR B 89 -4.65 -1.62 12.40
C TYR B 89 -5.85 -2.11 13.21
N ALA B 90 -6.32 -1.34 14.19
CA ALA B 90 -7.46 -1.76 15.00
C ALA B 90 -8.16 -0.53 15.57
N MET B 91 -9.40 -0.74 16.01
CA MET B 91 -10.15 0.30 16.70
C MET B 91 -11.14 -0.35 17.66
N HIS B 92 -11.76 0.48 18.49
CA HIS B 92 -12.82 0.03 19.40
C HIS B 92 -13.70 1.22 19.76
N TRP B 93 -15.01 1.03 19.67
CA TRP B 93 -15.96 2.08 20.02
C TRP B 93 -16.13 2.20 21.53
N GLY B 94 -16.49 3.39 21.98
CA GLY B 94 -16.73 3.63 23.38
C GLY B 94 -18.11 3.19 23.81
N THR B 95 -18.33 3.25 25.13
CA THR B 95 -19.61 2.88 25.69
C THR B 95 -20.66 3.97 25.45
N ASP B 96 -20.23 5.23 25.48
CA ASP B 96 -21.13 6.36 25.26
C ASP B 96 -21.39 6.67 23.79
N SER B 97 -20.83 5.86 22.87
CA SER B 97 -21.03 5.92 21.43
C SER B 97 -20.56 7.24 20.82
N ARG B 98 -19.65 7.95 21.47
CA ARG B 98 -19.14 9.20 20.94
C ARG B 98 -17.63 9.19 20.72
N LEU B 99 -16.85 8.72 21.70
CA LEU B 99 -15.40 8.73 21.61
C LEU B 99 -14.90 7.36 21.20
N LEU B 100 -13.97 7.33 20.25
CA LEU B 100 -13.37 6.09 19.80
C LEU B 100 -11.86 6.19 19.88
N VAL B 101 -11.19 5.04 19.77
CA VAL B 101 -9.75 4.95 19.85
C VAL B 101 -9.23 4.25 18.60
N SER B 102 -8.10 4.72 18.07
CA SER B 102 -7.51 4.13 16.88
C SER B 102 -6.02 3.95 17.09
N ALA B 103 -5.50 2.80 16.65
CA ALA B 103 -4.08 2.47 16.76
C ALA B 103 -3.49 2.33 15.37
N SER B 104 -2.35 2.97 15.16
CA SER B 104 -1.67 2.91 13.87
C SER B 104 -0.34 2.18 14.01
N GLN B 105 0.28 1.92 12.87
CA GLN B 105 1.47 1.09 12.81
C GLN B 105 2.77 1.89 12.87
N ASP B 106 2.68 3.22 12.94
CA ASP B 106 3.88 4.02 13.15
C ASP B 106 4.19 4.26 14.62
N GLY B 107 3.31 3.81 15.52
CA GLY B 107 3.51 4.02 16.94
C GLY B 107 2.66 5.13 17.51
N LYS B 108 1.39 5.19 17.12
CA LYS B 108 0.49 6.23 17.58
C LYS B 108 -0.86 5.63 17.98
N LEU B 109 -1.44 6.22 19.02
CA LEU B 109 -2.76 5.83 19.51
C LEU B 109 -3.55 7.11 19.73
N ILE B 110 -4.58 7.33 18.92
CA ILE B 110 -5.28 8.61 18.89
C ILE B 110 -6.73 8.39 19.28
N ILE B 111 -7.22 9.19 20.21
CA ILE B 111 -8.62 9.18 20.63
C ILE B 111 -9.37 10.25 19.82
N TRP B 112 -10.40 9.83 19.11
CA TRP B 112 -11.17 10.69 18.24
C TRP B 112 -12.56 10.94 18.82
N ASP B 113 -13.05 12.16 18.63
CA ASP B 113 -14.46 12.47 18.83
C ASP B 113 -15.18 12.31 17.50
N SER B 114 -16.21 11.46 17.49
CA SER B 114 -16.88 11.14 16.22
C SER B 114 -17.74 12.28 15.71
N TYR B 115 -18.20 13.18 16.60
CA TYR B 115 -19.11 14.23 16.17
C TYR B 115 -18.36 15.37 15.49
N THR B 116 -17.39 15.96 16.17
CA THR B 116 -16.71 17.16 15.69
C THR B 116 -15.37 16.86 15.01
N THR B 117 -15.00 15.59 14.86
CA THR B 117 -13.74 15.13 14.25
C THR B 117 -12.52 15.77 14.92
N ASN B 118 -12.52 15.81 16.24
CA ASN B 118 -11.48 16.48 17.01
C ASN B 118 -10.57 15.46 17.68
N LYS B 119 -9.27 15.69 17.59
CA LYS B 119 -8.27 14.82 18.20
C LYS B 119 -8.11 15.21 19.66
N VAL B 120 -8.65 14.38 20.56
CA VAL B 120 -8.57 14.67 21.98
C VAL B 120 -7.19 14.36 22.53
N HIS B 121 -6.72 13.13 22.33
CA HIS B 121 -5.41 12.71 22.80
C HIS B 121 -4.68 11.98 21.68
N ALA B 122 -3.36 12.14 21.66
CA ALA B 122 -2.48 11.47 20.69
C ALA B 122 -1.28 10.93 21.46
N ILE B 123 -1.38 9.68 21.91
CA ILE B 123 -0.38 9.07 22.78
C ILE B 123 0.63 8.33 21.91
N PRO B 124 1.92 8.60 22.05
CA PRO B 124 2.93 7.78 21.38
C PRO B 124 3.13 6.46 22.11
N LEU B 125 3.87 5.57 21.47
CA LEU B 125 4.09 4.23 21.98
C LEU B 125 5.57 3.93 22.06
N ARG B 126 5.93 3.02 22.97
CA ARG B 126 7.32 2.56 23.06
C ARG B 126 7.70 1.70 21.86
N SER B 127 6.80 0.80 21.46
CA SER B 127 7.03 -0.08 20.31
C SER B 127 6.16 0.37 19.16
N SER B 128 6.75 0.40 17.96
CA SER B 128 6.03 0.90 16.79
C SER B 128 4.99 -0.09 16.29
N TRP B 129 5.17 -1.37 16.57
CA TRP B 129 4.33 -2.42 15.99
C TRP B 129 3.27 -2.85 17.01
N VAL B 130 2.01 -2.53 16.72
CA VAL B 130 0.88 -2.93 17.55
C VAL B 130 -0.17 -3.57 16.67
N MET B 131 -1.01 -4.40 17.30
CA MET B 131 -2.07 -5.11 16.59
C MET B 131 -3.45 -4.97 17.18
N THR B 132 -3.59 -4.40 18.39
CA THR B 132 -4.88 -4.40 19.05
C THR B 132 -5.01 -3.18 19.94
N CYS B 133 -6.26 -2.85 20.25
CA CYS B 133 -6.58 -1.81 21.22
C CYS B 133 -7.98 -2.07 21.75
N ALA B 134 -8.24 -1.55 22.94
CA ALA B 134 -9.54 -1.70 23.57
C ALA B 134 -9.81 -0.47 24.42
N TYR B 135 -11.08 -0.27 24.77
CA TYR B 135 -11.48 0.91 25.51
C TYR B 135 -12.30 0.45 26.70
N ALA B 136 -11.99 0.98 27.88
CA ALA B 136 -12.62 0.54 29.11
C ALA B 136 -14.10 0.94 29.15
N PRO B 137 -14.95 0.12 29.77
CA PRO B 137 -16.39 0.46 29.82
C PRO B 137 -16.70 1.68 30.66
N SER B 138 -15.88 1.99 31.67
CA SER B 138 -16.11 3.18 32.47
C SER B 138 -15.53 4.43 31.84
N GLY B 139 -14.79 4.31 30.74
CA GLY B 139 -14.19 5.44 30.07
C GLY B 139 -12.87 5.92 30.66
N ASN B 140 -12.33 5.21 31.65
CA ASN B 140 -11.11 5.67 32.31
C ASN B 140 -9.84 5.18 31.65
N TYR B 141 -9.82 3.96 31.13
CA TYR B 141 -8.58 3.30 30.76
C TYR B 141 -8.57 2.97 29.27
N VAL B 142 -7.35 2.81 28.72
CA VAL B 142 -7.18 2.34 27.36
C VAL B 142 -6.04 1.33 27.36
N ALA B 143 -6.04 0.42 26.39
CA ALA B 143 -5.04 -0.64 26.35
C ALA B 143 -4.50 -0.80 24.94
N CYS B 144 -3.29 -1.35 24.84
CA CYS B 144 -2.68 -1.65 23.55
C CYS B 144 -1.68 -2.79 23.71
N GLY B 145 -1.32 -3.39 22.58
CA GLY B 145 -0.34 -4.47 22.55
C GLY B 145 0.02 -4.82 21.13
N GLY B 146 1.13 -5.55 21.01
CA GLY B 146 1.62 -5.92 19.68
C GLY B 146 2.80 -6.86 19.67
N LEU B 147 3.80 -6.57 18.81
CA LEU B 147 4.96 -7.43 18.63
C LEU B 147 5.93 -7.39 19.81
N ASP B 148 5.77 -6.45 20.74
CA ASP B 148 6.73 -6.28 21.83
C ASP B 148 6.46 -7.20 23.01
N ASN B 149 5.42 -8.03 22.94
CA ASN B 149 5.01 -9.02 23.95
C ASN B 149 4.58 -8.38 25.26
N ILE B 150 4.21 -7.10 25.27
CA ILE B 150 3.77 -6.39 26.47
C ILE B 150 2.36 -5.87 26.21
N CYS B 151 1.51 -5.94 27.24
CA CYS B 151 0.21 -5.27 27.22
C CYS B 151 0.32 -4.00 28.04
N SER B 152 0.09 -2.86 27.39
CA SER B 152 0.21 -1.56 28.05
C SER B 152 -1.17 -0.99 28.33
N ILE B 153 -1.37 -0.51 29.56
CA ILE B 153 -2.63 0.06 30.00
C ILE B 153 -2.36 1.50 30.44
N TYR B 154 -3.03 2.45 29.79
CA TYR B 154 -2.86 3.87 30.02
C TYR B 154 -4.11 4.46 30.69
N ASN B 155 -3.88 5.36 31.64
CA ASN B 155 -4.94 6.07 32.34
C ASN B 155 -5.16 7.43 31.69
N LEU B 156 -6.42 7.82 31.55
CA LEU B 156 -6.80 9.08 30.92
C LEU B 156 -7.34 10.09 31.92
N LYS B 157 -7.09 9.87 33.21
CA LYS B 157 -7.57 10.76 34.24
C LYS B 157 -6.56 11.87 34.52
N VAL B 163 -1.56 11.85 30.93
CA VAL B 163 -1.61 10.55 30.29
C VAL B 163 -0.28 9.83 30.46
N ARG B 164 -0.26 8.82 31.34
CA ARG B 164 0.95 8.08 31.64
C ARG B 164 0.65 6.59 31.62
N VAL B 165 1.72 5.79 31.53
CA VAL B 165 1.61 4.34 31.47
C VAL B 165 1.24 3.81 32.85
N SER B 166 -0.03 3.44 33.03
CA SER B 166 -0.49 3.00 34.33
C SER B 166 -0.03 1.59 34.66
N ARG B 167 -0.04 0.68 33.68
CA ARG B 167 0.33 -0.69 33.97
C ARG B 167 0.96 -1.34 32.75
N GLU B 168 1.92 -2.23 32.99
CA GLU B 168 2.58 -3.02 31.96
C GLU B 168 2.50 -4.49 32.36
N LEU B 169 1.84 -5.30 31.54
CA LEU B 169 1.70 -6.72 31.77
C LEU B 169 2.62 -7.48 30.83
N ALA B 170 3.48 -8.33 31.39
CA ALA B 170 4.52 -9.04 30.63
C ALA B 170 4.58 -10.49 31.11
N GLY B 171 3.82 -11.36 30.45
CA GLY B 171 3.87 -12.78 30.78
C GLY B 171 3.82 -13.70 29.58
N HIS B 172 3.61 -13.15 28.39
CA HIS B 172 3.41 -13.95 27.20
C HIS B 172 4.73 -14.18 26.46
N THR B 173 4.71 -15.17 25.56
CA THR B 173 5.85 -15.47 24.71
C THR B 173 5.55 -15.26 23.23
N GLY B 174 4.30 -14.93 22.88
CA GLY B 174 3.95 -14.63 21.51
C GLY B 174 3.23 -13.30 21.43
N TYR B 175 3.05 -12.83 20.20
CA TYR B 175 2.46 -11.51 19.97
C TYR B 175 0.99 -11.48 20.38
N LEU B 176 0.57 -10.35 20.95
CA LEU B 176 -0.81 -10.19 21.36
C LEU B 176 -1.69 -9.93 20.14
N SER B 177 -2.84 -10.59 20.10
CA SER B 177 -3.75 -10.47 18.97
C SER B 177 -5.02 -9.73 19.29
N CYS B 178 -5.58 -9.90 20.49
CA CYS B 178 -6.77 -9.19 20.89
C CYS B 178 -6.77 -9.00 22.39
N CYS B 179 -7.51 -7.99 22.84
CA CYS B 179 -7.65 -7.71 24.28
C CYS B 179 -8.99 -7.02 24.51
N ARG B 180 -9.62 -7.34 25.63
CA ARG B 180 -10.92 -6.78 25.98
C ARG B 180 -10.97 -6.54 27.48
N PHE B 181 -11.85 -5.63 27.88
CA PHE B 181 -12.04 -5.26 29.27
C PHE B 181 -13.34 -5.86 29.79
N LEU B 182 -13.25 -6.62 30.88
CA LEU B 182 -14.45 -7.03 31.59
C LEU B 182 -14.95 -5.93 32.50
N ASP B 183 -14.07 -5.45 33.37
CA ASP B 183 -14.27 -4.25 34.17
C ASP B 183 -12.96 -3.47 34.12
N ASP B 184 -12.82 -2.48 35.00
CA ASP B 184 -11.54 -1.78 35.10
C ASP B 184 -10.56 -2.48 36.04
N ASN B 185 -10.76 -3.76 36.33
CA ASN B 185 -9.90 -4.53 37.22
C ASN B 185 -9.35 -5.81 36.60
N GLN B 186 -10.06 -6.42 35.66
CA GLN B 186 -9.62 -7.64 35.00
C GLN B 186 -9.54 -7.43 33.50
N ILE B 187 -8.58 -8.09 32.86
CA ILE B 187 -8.37 -7.94 31.42
C ILE B 187 -8.09 -9.32 30.80
N VAL B 188 -8.69 -9.59 29.65
CA VAL B 188 -8.53 -10.84 28.93
C VAL B 188 -7.69 -10.58 27.69
N THR B 189 -6.65 -11.39 27.49
CA THR B 189 -5.77 -11.27 26.33
C THR B 189 -5.65 -12.61 25.62
N SER B 190 -5.30 -12.54 24.34
CA SER B 190 -4.98 -13.73 23.54
C SER B 190 -3.65 -13.53 22.85
N SER B 191 -2.83 -14.58 22.82
CA SER B 191 -1.47 -14.46 22.33
C SER B 191 -1.26 -15.35 21.11
N GLY B 192 -0.06 -15.23 20.54
CA GLY B 192 0.36 -16.02 19.40
C GLY B 192 0.98 -17.34 19.74
N ASP B 193 1.03 -17.70 21.03
CA ASP B 193 1.53 -19.01 21.46
C ASP B 193 0.39 -19.92 21.92
N THR B 194 -0.75 -19.83 21.23
CA THR B 194 -1.95 -20.67 21.43
C THR B 194 -2.52 -20.58 22.85
N THR B 195 -2.36 -19.43 23.51
CA THR B 195 -2.82 -19.27 24.88
C THR B 195 -3.68 -18.01 25.03
N CYS B 196 -4.78 -18.14 25.76
CA CYS B 196 -5.52 -17.00 26.25
C CYS B 196 -5.29 -16.86 27.76
N ALA B 197 -5.53 -15.66 28.27
CA ALA B 197 -5.22 -15.41 29.68
C ALA B 197 -6.15 -14.36 30.25
N LEU B 198 -6.43 -14.50 31.54
CA LEU B 198 -7.18 -13.50 32.31
C LEU B 198 -6.28 -13.00 33.42
N TRP B 199 -6.08 -11.68 33.45
CA TRP B 199 -5.14 -10.98 34.32
C TRP B 199 -5.90 -10.05 35.25
N ASP B 200 -5.33 -9.81 36.43
CA ASP B 200 -5.72 -8.72 37.31
C ASP B 200 -4.73 -7.58 37.18
N ILE B 201 -5.26 -6.38 36.92
CA ILE B 201 -4.40 -5.22 36.65
C ILE B 201 -3.69 -4.76 37.91
N GLU B 202 -4.35 -4.87 39.07
CA GLU B 202 -3.79 -4.34 40.31
C GLU B 202 -2.59 -5.16 40.78
N THR B 203 -2.71 -6.49 40.79
CA THR B 203 -1.56 -7.33 41.13
C THR B 203 -0.54 -7.38 40.00
N GLY B 204 -1.02 -7.33 38.75
CA GLY B 204 -0.12 -7.35 37.62
C GLY B 204 0.39 -8.71 37.22
N GLN B 205 -0.19 -9.78 37.75
CA GLN B 205 0.21 -11.14 37.43
C GLN B 205 -0.96 -11.89 36.81
N GLN B 206 -0.65 -12.95 36.08
CA GLN B 206 -1.69 -13.77 35.45
C GLN B 206 -2.48 -14.54 36.50
N THR B 207 -3.81 -14.49 36.38
CA THR B 207 -4.67 -15.25 37.27
C THR B 207 -5.09 -16.59 36.67
N THR B 208 -5.65 -16.59 35.47
CA THR B 208 -6.00 -17.86 34.83
C THR B 208 -5.48 -17.92 33.40
N THR B 209 -5.19 -19.14 32.95
CA THR B 209 -4.63 -19.39 31.62
C THR B 209 -5.46 -20.46 30.92
N PHE B 210 -5.85 -20.18 29.68
CA PHE B 210 -6.64 -21.09 28.85
C PHE B 210 -5.73 -21.62 27.74
N THR B 211 -5.47 -22.92 27.76
CA THR B 211 -4.59 -23.60 26.80
C THR B 211 -5.39 -24.74 26.16
N GLY B 212 -6.00 -24.47 25.02
CA GLY B 212 -6.73 -25.51 24.30
C GLY B 212 -6.50 -25.54 22.81
N HIS B 213 -5.88 -24.50 22.26
CA HIS B 213 -5.74 -24.37 20.82
C HIS B 213 -4.42 -24.94 20.34
N THR B 214 -4.39 -25.33 19.06
CA THR B 214 -3.17 -25.81 18.43
C THR B 214 -2.53 -24.78 17.51
N GLY B 215 -3.32 -23.87 16.93
CA GLY B 215 -2.80 -22.77 16.15
C GLY B 215 -2.94 -21.47 16.91
N ASP B 216 -2.37 -20.41 16.34
CA ASP B 216 -2.34 -19.11 17.00
C ASP B 216 -3.73 -18.50 17.07
N VAL B 217 -4.07 -17.94 18.23
CA VAL B 217 -5.38 -17.35 18.46
C VAL B 217 -5.41 -15.95 17.86
N MET B 218 -6.45 -15.67 17.07
CA MET B 218 -6.56 -14.40 16.37
C MET B 218 -7.56 -13.43 16.97
N SER B 219 -8.68 -13.91 17.51
CA SER B 219 -9.69 -13.00 18.01
C SER B 219 -10.46 -13.66 19.15
N LEU B 220 -10.99 -12.82 20.04
CA LEU B 220 -11.86 -13.25 21.13
C LEU B 220 -13.01 -12.27 21.25
N SER B 221 -14.09 -12.73 21.87
CA SER B 221 -15.22 -11.85 22.15
C SER B 221 -15.94 -12.33 23.40
N LEU B 222 -16.29 -11.37 24.25
CA LEU B 222 -16.96 -11.62 25.52
C LEU B 222 -18.47 -11.61 25.33
N ALA B 223 -19.16 -12.30 26.25
CA ALA B 223 -20.62 -12.33 26.24
C ALA B 223 -21.18 -11.09 26.92
N PRO B 224 -22.43 -10.69 26.58
CA PRO B 224 -23.07 -9.61 27.33
C PRO B 224 -23.36 -9.93 28.79
N ASP B 225 -23.39 -11.21 29.17
CA ASP B 225 -23.56 -11.59 30.57
C ASP B 225 -22.25 -11.56 31.34
N THR B 226 -21.12 -11.34 30.65
CA THR B 226 -19.77 -11.23 31.24
C THR B 226 -19.38 -12.46 32.05
N ARG B 227 -19.79 -13.63 31.57
CA ARG B 227 -19.46 -14.89 32.23
C ARG B 227 -18.87 -15.94 31.31
N LEU B 228 -18.99 -15.78 29.99
CA LEU B 228 -18.39 -16.69 29.02
C LEU B 228 -17.73 -15.85 27.94
N PHE B 229 -16.76 -16.45 27.24
CA PHE B 229 -16.20 -15.78 26.08
C PHE B 229 -15.71 -16.82 25.07
N VAL B 230 -15.76 -16.44 23.79
CA VAL B 230 -15.35 -17.33 22.71
C VAL B 230 -14.05 -16.82 22.10
N SER B 231 -13.29 -17.74 21.54
CA SER B 231 -12.03 -17.42 20.89
C SER B 231 -11.87 -18.26 19.62
N GLY B 232 -11.38 -17.63 18.58
CA GLY B 232 -11.12 -18.30 17.31
C GLY B 232 -9.63 -18.28 16.99
N ALA B 233 -9.14 -19.38 16.42
CA ALA B 233 -7.70 -19.52 16.20
C ALA B 233 -7.38 -19.92 14.78
N CYS B 234 -6.10 -20.24 14.52
CA CYS B 234 -5.60 -20.59 13.20
C CYS B 234 -5.63 -22.10 12.94
N ASP B 235 -6.57 -22.82 13.54
CA ASP B 235 -6.72 -24.25 13.32
C ASP B 235 -8.12 -24.63 12.86
N ALA B 236 -8.85 -23.65 12.29
CA ALA B 236 -10.25 -23.79 11.84
C ALA B 236 -11.17 -24.29 12.95
N SER B 237 -10.98 -23.75 14.16
CA SER B 237 -11.75 -24.17 15.32
C SER B 237 -12.02 -22.98 16.22
N ALA B 238 -13.21 -22.95 16.80
CA ALA B 238 -13.62 -21.92 17.73
C ALA B 238 -14.02 -22.56 19.04
N LYS B 239 -13.61 -21.96 20.16
CA LYS B 239 -13.80 -22.55 21.47
C LYS B 239 -14.50 -21.59 22.41
N LEU B 240 -15.35 -22.14 23.27
CA LEU B 240 -16.08 -21.40 24.29
C LEU B 240 -15.48 -21.69 25.65
N TRP B 241 -15.18 -20.62 26.41
CA TRP B 241 -14.52 -20.75 27.70
C TRP B 241 -15.32 -20.03 28.77
N ASP B 242 -15.19 -20.53 30.00
CA ASP B 242 -15.85 -19.96 31.17
C ASP B 242 -14.77 -19.32 32.04
N VAL B 243 -14.99 -18.07 32.44
CA VAL B 243 -13.95 -17.31 33.14
C VAL B 243 -13.82 -17.73 34.60
N ARG B 244 -14.84 -18.37 35.16
CA ARG B 244 -14.77 -18.74 36.58
C ARG B 244 -14.00 -20.03 36.77
N GLU B 245 -14.32 -21.06 35.98
CA GLU B 245 -13.66 -22.36 36.13
C GLU B 245 -12.30 -22.36 35.44
N GLY B 246 -12.29 -22.17 34.12
CA GLY B 246 -11.05 -22.15 33.39
C GLY B 246 -10.85 -23.36 32.49
N MET B 247 -11.94 -23.96 32.03
CA MET B 247 -11.90 -25.14 31.19
C MET B 247 -12.74 -24.91 29.94
N CYS B 248 -12.35 -25.57 28.85
CA CYS B 248 -13.05 -25.44 27.59
C CYS B 248 -14.37 -26.22 27.66
N ARG B 249 -15.49 -25.50 27.54
CA ARG B 249 -16.79 -26.14 27.61
C ARG B 249 -17.11 -26.92 26.33
N GLN B 250 -16.78 -26.35 25.17
CA GLN B 250 -17.30 -26.86 23.91
C GLN B 250 -16.38 -26.43 22.77
N THR B 251 -16.30 -27.26 21.74
CA THR B 251 -15.44 -27.01 20.59
C THR B 251 -16.21 -27.17 19.30
N PHE B 252 -16.12 -26.18 18.42
CA PHE B 252 -16.78 -26.18 17.12
C PHE B 252 -15.74 -26.19 16.01
N THR B 253 -15.93 -27.09 15.04
CA THR B 253 -15.03 -27.22 13.89
C THR B 253 -15.87 -27.19 12.61
N GLY B 254 -15.92 -26.03 11.97
CA GLY B 254 -16.68 -25.92 10.73
C GLY B 254 -15.93 -25.37 9.54
N HIS B 255 -14.89 -24.56 9.79
CA HIS B 255 -14.21 -23.86 8.72
C HIS B 255 -13.11 -24.74 8.10
N GLU B 256 -12.39 -24.17 7.14
CA GLU B 256 -11.33 -24.87 6.44
C GLU B 256 -9.97 -24.19 6.53
N SER B 257 -9.89 -22.95 7.02
CA SER B 257 -8.63 -22.22 7.10
C SER B 257 -8.60 -21.46 8.42
N ASP B 258 -7.68 -20.51 8.51
CA ASP B 258 -7.52 -19.72 9.73
C ASP B 258 -8.70 -18.79 9.94
N ILE B 259 -9.23 -18.76 11.15
CA ILE B 259 -10.36 -17.90 11.51
C ILE B 259 -9.82 -16.57 11.99
N ASN B 260 -10.27 -15.48 11.37
CA ASN B 260 -9.71 -14.16 11.65
C ASN B 260 -10.61 -13.28 12.51
N ALA B 261 -11.90 -13.58 12.62
CA ALA B 261 -12.80 -12.72 13.38
C ALA B 261 -13.89 -13.56 14.04
N ILE B 262 -14.37 -13.08 15.18
CA ILE B 262 -15.41 -13.76 15.95
C ILE B 262 -16.08 -12.72 16.85
N CYS B 263 -17.40 -12.81 16.97
CA CYS B 263 -18.16 -11.88 17.79
C CYS B 263 -19.48 -12.51 18.20
N PHE B 264 -19.94 -12.20 19.41
CA PHE B 264 -21.18 -12.73 19.94
C PHE B 264 -22.41 -12.08 19.30
N PHE B 265 -23.52 -12.80 19.40
CA PHE B 265 -24.84 -12.26 19.10
C PHE B 265 -25.25 -11.29 20.20
N PRO B 266 -26.18 -10.36 19.92
CA PRO B 266 -26.78 -9.57 21.00
C PRO B 266 -27.53 -10.40 22.03
N ASN B 267 -28.09 -11.54 21.62
CA ASN B 267 -28.77 -12.41 22.58
C ASN B 267 -27.78 -13.10 23.51
N GLY B 268 -26.62 -13.47 23.00
CA GLY B 268 -25.65 -14.20 23.77
C GLY B 268 -25.67 -15.71 23.62
N ASN B 269 -26.31 -16.23 22.57
CA ASN B 269 -26.42 -17.67 22.36
C ASN B 269 -25.92 -18.12 20.99
N ALA B 270 -25.31 -17.23 20.22
CA ALA B 270 -24.82 -17.59 18.89
C ALA B 270 -23.64 -16.70 18.55
N PHE B 271 -22.86 -17.13 17.57
CA PHE B 271 -21.73 -16.32 17.11
C PHE B 271 -21.38 -16.64 15.67
N ALA B 272 -20.85 -15.65 14.97
CA ALA B 272 -20.46 -15.79 13.57
C ALA B 272 -18.95 -15.61 13.43
N THR B 273 -18.34 -16.43 12.58
CA THR B 273 -16.90 -16.41 12.35
C THR B 273 -16.61 -16.22 10.87
N GLY B 274 -15.58 -15.42 10.59
CA GLY B 274 -15.08 -15.26 9.24
C GLY B 274 -13.66 -15.79 9.15
N SER B 275 -13.32 -16.34 7.98
CA SER B 275 -12.04 -17.02 7.81
C SER B 275 -11.45 -16.65 6.45
N ASP B 276 -10.36 -17.32 6.10
CA ASP B 276 -9.61 -17.03 4.88
C ASP B 276 -10.14 -17.75 3.65
N ASP B 277 -11.16 -18.60 3.80
CA ASP B 277 -11.74 -19.31 2.67
C ASP B 277 -12.97 -18.62 2.10
N ALA B 278 -13.07 -17.29 2.27
CA ALA B 278 -14.12 -16.43 1.72
C ALA B 278 -15.52 -16.83 2.16
N THR B 279 -15.64 -17.37 3.38
CA THR B 279 -16.93 -17.81 3.90
C THR B 279 -17.13 -17.26 5.31
N CYS B 280 -18.39 -17.01 5.66
CA CYS B 280 -18.79 -16.67 7.01
C CYS B 280 -19.72 -17.76 7.52
N ARG B 281 -19.60 -18.11 8.80
CA ARG B 281 -20.42 -19.20 9.33
C ARG B 281 -20.98 -18.82 10.70
N LEU B 282 -22.28 -19.06 10.87
CA LEU B 282 -22.97 -18.79 12.13
C LEU B 282 -23.21 -20.10 12.87
N PHE B 283 -22.68 -20.19 14.08
CA PHE B 283 -22.86 -21.31 14.99
C PHE B 283 -23.76 -20.90 16.16
N ASP B 284 -24.42 -21.91 16.74
CA ASP B 284 -25.26 -21.72 17.92
C ASP B 284 -24.77 -22.63 19.04
N LEU B 285 -24.78 -22.10 20.26
CA LEU B 285 -24.26 -22.84 21.40
C LEU B 285 -25.18 -23.95 21.87
N ARG B 286 -26.45 -23.95 21.46
CA ARG B 286 -27.38 -25.00 21.84
C ARG B 286 -27.48 -26.11 20.80
N ALA B 287 -27.47 -25.75 19.52
CA ALA B 287 -27.54 -26.75 18.45
C ALA B 287 -26.22 -27.48 18.24
N ASP B 288 -25.10 -26.90 18.71
CA ASP B 288 -23.77 -27.52 18.74
C ASP B 288 -23.24 -27.86 17.35
N GLN B 289 -23.71 -27.15 16.31
CA GLN B 289 -23.33 -27.46 14.95
C GLN B 289 -23.29 -26.17 14.13
N GLU B 290 -22.83 -26.28 12.89
CA GLU B 290 -22.81 -25.14 11.98
C GLU B 290 -24.24 -24.85 11.54
N LEU B 291 -24.79 -23.74 12.03
CA LEU B 291 -26.19 -23.44 11.79
C LEU B 291 -26.40 -22.84 10.41
N MET B 292 -25.61 -21.82 10.05
CA MET B 292 -25.80 -21.14 8.78
C MET B 292 -24.46 -20.80 8.14
N THR B 293 -24.48 -20.61 6.83
CA THR B 293 -23.30 -20.20 6.07
C THR B 293 -23.66 -19.09 5.09
N TYR B 294 -22.72 -18.18 4.88
CA TYR B 294 -22.83 -17.09 3.93
C TYR B 294 -21.58 -17.09 3.07
N SER B 295 -21.77 -17.21 1.75
CA SER B 295 -20.65 -17.23 0.82
C SER B 295 -21.16 -16.80 -0.55
N HIS B 296 -20.21 -16.42 -1.41
CA HIS B 296 -20.51 -16.07 -2.79
C HIS B 296 -19.45 -16.71 -3.69
N ASP B 297 -19.83 -16.95 -4.94
CA ASP B 297 -18.95 -17.62 -5.88
C ASP B 297 -18.01 -16.66 -6.61
N ASN B 298 -18.18 -15.35 -6.43
CA ASN B 298 -17.34 -14.37 -7.10
C ASN B 298 -16.28 -13.77 -6.21
N ILE B 299 -16.10 -14.29 -5.00
CA ILE B 299 -15.14 -13.77 -4.03
C ILE B 299 -14.12 -14.86 -3.72
N ILE B 300 -12.84 -14.48 -3.68
CA ILE B 300 -11.75 -15.40 -3.37
C ILE B 300 -10.83 -14.79 -2.32
N CYS B 301 -11.36 -13.86 -1.53
CA CYS B 301 -10.57 -13.11 -0.56
C CYS B 301 -11.08 -13.39 0.85
N GLY B 302 -10.19 -13.25 1.83
CA GLY B 302 -10.53 -13.54 3.20
C GLY B 302 -11.36 -12.45 3.86
N ILE B 303 -11.82 -12.76 5.07
CA ILE B 303 -12.61 -11.85 5.89
C ILE B 303 -11.73 -11.37 7.03
N THR B 304 -11.65 -10.06 7.21
CA THR B 304 -10.80 -9.46 8.23
C THR B 304 -11.54 -9.06 9.50
N SER B 305 -12.83 -8.73 9.43
CA SER B 305 -13.57 -8.28 10.59
C SER B 305 -15.04 -8.65 10.44
N VAL B 306 -15.68 -8.95 11.57
CA VAL B 306 -17.08 -9.39 11.62
C VAL B 306 -17.77 -8.68 12.77
N SER B 307 -18.94 -8.07 12.51
CA SER B 307 -19.74 -7.46 13.55
C SER B 307 -21.22 -7.59 13.22
N PHE B 308 -22.06 -7.54 14.26
CA PHE B 308 -23.51 -7.48 14.13
C PHE B 308 -24.03 -6.07 14.38
N SER B 309 -25.33 -5.91 14.11
CA SER B 309 -26.07 -4.69 14.38
C SER B 309 -26.81 -4.83 15.70
N LYS B 310 -27.70 -3.88 15.98
CA LYS B 310 -28.35 -3.81 17.29
C LYS B 310 -29.36 -4.93 17.49
N SER B 311 -30.21 -5.16 16.50
CA SER B 311 -31.25 -6.17 16.61
C SER B 311 -30.80 -7.55 16.14
N GLY B 312 -29.57 -7.69 15.67
CA GLY B 312 -29.10 -8.95 15.15
C GLY B 312 -29.57 -9.28 13.75
N ARG B 313 -30.22 -8.34 13.06
CA ARG B 313 -30.74 -8.61 11.73
C ARG B 313 -29.64 -8.58 10.68
N LEU B 314 -28.65 -7.71 10.84
CA LEU B 314 -27.63 -7.53 9.81
C LEU B 314 -26.29 -8.05 10.31
N LEU B 315 -25.41 -8.38 9.36
CA LEU B 315 -24.07 -8.86 9.67
C LEU B 315 -23.09 -8.21 8.72
N LEU B 316 -22.16 -7.42 9.24
CA LEU B 316 -21.23 -6.65 8.42
C LEU B 316 -19.86 -7.30 8.45
N ALA B 317 -19.30 -7.55 7.27
CA ALA B 317 -18.01 -8.22 7.15
C ALA B 317 -17.09 -7.45 6.23
N GLY B 318 -15.88 -7.19 6.70
CA GLY B 318 -14.87 -6.53 5.88
C GLY B 318 -14.00 -7.55 5.16
N TYR B 319 -13.69 -7.25 3.90
CA TYR B 319 -13.00 -8.19 3.03
C TYR B 319 -11.66 -7.62 2.59
N ASP B 320 -10.85 -8.47 1.95
CA ASP B 320 -9.57 -8.06 1.41
C ASP B 320 -9.67 -7.54 -0.03
N ASP B 321 -10.89 -7.45 -0.58
CA ASP B 321 -11.12 -6.89 -1.90
C ASP B 321 -11.47 -5.42 -1.85
N PHE B 322 -10.91 -4.68 -0.88
CA PHE B 322 -10.99 -3.23 -0.71
C PHE B 322 -12.42 -2.76 -0.42
N ASN B 323 -13.28 -3.62 0.13
CA ASN B 323 -14.68 -3.28 0.31
C ASN B 323 -15.25 -4.08 1.47
N CYS B 324 -16.42 -3.64 1.95
CA CYS B 324 -17.15 -4.30 3.01
C CYS B 324 -18.52 -4.74 2.49
N ASN B 325 -18.98 -5.89 2.97
CA ASN B 325 -20.26 -6.43 2.55
C ASN B 325 -21.21 -6.52 3.75
N VAL B 326 -22.49 -6.34 3.48
CA VAL B 326 -23.53 -6.30 4.50
C VAL B 326 -24.53 -7.41 4.17
N TRP B 327 -24.51 -8.48 4.97
CA TRP B 327 -25.32 -9.67 4.77
C TRP B 327 -26.55 -9.64 5.67
N ASP B 328 -27.60 -10.32 5.24
CA ASP B 328 -28.76 -10.58 6.07
C ASP B 328 -28.49 -11.84 6.90
N ALA B 329 -28.81 -11.77 8.19
CA ALA B 329 -28.44 -12.84 9.10
C ALA B 329 -29.39 -14.03 9.07
N LEU B 330 -30.54 -13.91 8.42
CA LEU B 330 -31.49 -15.02 8.36
C LEU B 330 -31.80 -15.51 6.95
N LYS B 331 -31.83 -14.63 5.96
CA LYS B 331 -32.08 -15.05 4.58
C LYS B 331 -30.82 -15.51 3.86
N ALA B 332 -29.64 -15.24 4.43
CA ALA B 332 -28.32 -15.63 3.88
C ALA B 332 -28.10 -15.12 2.46
N ASP B 333 -28.44 -13.85 2.23
CA ASP B 333 -28.28 -13.22 0.93
C ASP B 333 -27.61 -11.87 1.11
N ARG B 334 -26.73 -11.52 0.17
CA ARG B 334 -26.02 -10.24 0.24
C ARG B 334 -26.97 -9.09 -0.04
N ALA B 335 -26.88 -8.03 0.77
CA ALA B 335 -27.83 -6.93 0.68
C ALA B 335 -27.20 -5.54 0.68
N GLY B 336 -25.93 -5.38 1.03
CA GLY B 336 -25.32 -4.06 1.02
C GLY B 336 -23.86 -4.11 0.67
N VAL B 337 -23.38 -3.04 0.02
CA VAL B 337 -21.97 -2.87 -0.31
C VAL B 337 -21.52 -1.53 0.23
N LEU B 338 -20.38 -1.52 0.94
CA LEU B 338 -19.74 -0.29 1.41
C LEU B 338 -18.34 -0.25 0.82
N ALA B 339 -18.10 0.68 -0.12
CA ALA B 339 -16.84 0.77 -0.83
C ALA B 339 -16.34 2.21 -0.79
N GLY B 340 -15.35 2.48 0.06
CA GLY B 340 -14.78 3.81 0.15
C GLY B 340 -13.29 3.86 0.42
N HIS B 341 -12.64 2.72 0.51
CA HIS B 341 -11.24 2.64 0.92
C HIS B 341 -10.36 2.23 -0.25
N ASP B 342 -9.16 2.80 -0.31
CA ASP B 342 -8.20 2.52 -1.36
C ASP B 342 -7.27 1.37 -1.04
N ASN B 343 -7.30 0.85 0.19
CA ASN B 343 -6.54 -0.32 0.57
C ASN B 343 -7.47 -1.27 1.32
N ARG B 344 -6.91 -2.38 1.80
CA ARG B 344 -7.74 -3.40 2.45
C ARG B 344 -8.24 -2.92 3.79
N VAL B 345 -9.52 -3.15 4.06
CA VAL B 345 -10.11 -2.80 5.34
C VAL B 345 -9.63 -3.78 6.39
N SER B 346 -9.18 -3.26 7.54
CA SER B 346 -8.58 -4.09 8.57
C SER B 346 -9.36 -4.11 9.88
N CYS B 347 -10.21 -3.14 10.13
CA CYS B 347 -10.94 -3.11 11.38
C CYS B 347 -12.32 -2.50 11.19
N LEU B 348 -13.27 -3.00 11.99
CA LEU B 348 -14.68 -2.64 11.87
C LEU B 348 -15.27 -2.51 13.26
N GLY B 349 -16.19 -1.57 13.44
CA GLY B 349 -16.82 -1.38 14.74
C GLY B 349 -18.24 -0.87 14.60
N VAL B 350 -19.11 -1.32 15.50
CA VAL B 350 -20.50 -0.93 15.57
C VAL B 350 -20.76 -0.34 16.95
N THR B 351 -21.43 0.81 17.00
CA THR B 351 -21.68 1.51 18.25
C THR B 351 -22.65 0.73 19.13
N ASP B 352 -22.63 1.06 20.43
CA ASP B 352 -23.49 0.41 21.41
C ASP B 352 -24.94 0.86 21.33
N ASP B 353 -25.24 1.90 20.56
CA ASP B 353 -26.62 2.32 20.32
C ASP B 353 -27.10 1.99 18.91
N GLY B 354 -26.25 1.40 18.07
CA GLY B 354 -26.65 1.03 16.74
C GLY B 354 -26.85 2.18 15.78
N MET B 355 -26.19 3.31 16.01
CA MET B 355 -26.39 4.50 15.21
C MET B 355 -25.28 4.75 14.19
N ALA B 356 -24.11 4.14 14.34
CA ALA B 356 -23.02 4.39 13.43
C ALA B 356 -22.17 3.14 13.29
N VAL B 357 -21.51 3.01 12.14
CA VAL B 357 -20.57 1.92 11.88
C VAL B 357 -19.28 2.54 11.35
N ALA B 358 -18.16 2.26 12.00
CA ALA B 358 -16.89 2.85 11.61
C ALA B 358 -15.94 1.79 11.07
N THR B 359 -15.30 2.10 9.95
CA THR B 359 -14.35 1.22 9.29
C THR B 359 -12.97 1.87 9.29
N GLY B 360 -11.94 1.02 9.32
CA GLY B 360 -10.57 1.49 9.22
C GLY B 360 -9.74 0.55 8.37
N SER B 361 -8.93 1.13 7.48
CA SER B 361 -8.21 0.38 6.47
C SER B 361 -6.72 0.68 6.54
N TRP B 362 -5.98 0.17 5.56
CA TRP B 362 -4.54 0.36 5.46
C TRP B 362 -4.17 1.63 4.69
N ASP B 363 -5.15 2.44 4.30
CA ASP B 363 -4.91 3.70 3.63
C ASP B 363 -4.81 4.87 4.62
N SER B 364 -4.60 4.58 5.91
CA SER B 364 -4.42 5.54 7.00
C SER B 364 -5.63 6.45 7.22
N PHE B 365 -6.82 6.01 6.82
CA PHE B 365 -8.05 6.79 6.99
C PHE B 365 -9.09 5.95 7.70
N LEU B 366 -9.80 6.57 8.63
CA LEU B 366 -10.89 5.93 9.36
C LEU B 366 -12.18 6.67 9.03
N LYS B 367 -13.20 5.93 8.63
CA LYS B 367 -14.42 6.54 8.10
C LYS B 367 -15.65 6.04 8.86
N ILE B 368 -16.69 6.86 8.88
CA ILE B 368 -17.90 6.62 9.65
C ILE B 368 -19.09 6.60 8.69
N TRP B 369 -19.93 5.57 8.82
CA TRP B 369 -21.06 5.35 7.94
C TRP B 369 -22.34 5.28 8.77
N ASN B 370 -23.41 5.86 8.24
CA ASN B 370 -24.71 5.88 8.90
C ASN B 370 -25.79 5.54 7.89
N ARG C 13 -4.04 -38.11 24.62
CA ARG C 13 -4.19 -38.08 26.06
C ARG C 13 -5.17 -37.00 26.50
N LYS C 14 -4.77 -35.74 26.32
CA LYS C 14 -5.64 -34.63 26.68
C LYS C 14 -6.79 -34.47 25.69
N LEU C 15 -6.55 -34.76 24.42
CA LEU C 15 -7.60 -34.64 23.41
C LEU C 15 -8.68 -35.70 23.60
N VAL C 16 -8.28 -36.91 24.03
CA VAL C 16 -9.24 -37.98 24.29
C VAL C 16 -10.12 -37.62 25.48
N GLU C 17 -9.52 -37.08 26.55
CA GLU C 17 -10.29 -36.65 27.71
C GLU C 17 -11.19 -35.46 27.38
N GLN C 18 -10.72 -34.55 26.53
CA GLN C 18 -11.54 -33.42 26.10
C GLN C 18 -12.75 -33.88 25.28
N LEU C 19 -12.54 -34.82 24.36
CA LEU C 19 -13.64 -35.36 23.57
C LEU C 19 -14.62 -36.16 24.42
N LYS C 20 -14.11 -36.90 25.41
CA LYS C 20 -14.98 -37.67 26.30
C LYS C 20 -15.79 -36.75 27.21
N MET C 21 -15.20 -35.62 27.64
CA MET C 21 -15.94 -34.70 28.48
C MET C 21 -16.93 -33.87 27.68
N GLU C 22 -16.61 -33.54 26.43
CA GLU C 22 -17.52 -32.76 25.59
C GLU C 22 -18.51 -33.62 24.83
N ALA C 23 -18.42 -34.95 24.92
CA ALA C 23 -19.39 -35.80 24.23
C ALA C 23 -20.74 -35.81 24.93
N ASN C 24 -20.77 -35.53 26.23
CA ASN C 24 -22.01 -35.59 27.01
C ASN C 24 -22.58 -34.17 27.15
N ILE C 25 -23.24 -33.71 26.10
CA ILE C 25 -23.91 -32.42 26.09
C ILE C 25 -25.38 -32.62 25.73
N ASP C 26 -26.21 -31.66 26.15
CA ASP C 26 -27.64 -31.68 25.84
C ASP C 26 -27.86 -30.79 24.62
N ARG C 27 -27.88 -31.41 23.44
CA ARG C 27 -28.00 -30.68 22.19
C ARG C 27 -29.49 -30.48 21.86
N ILE C 28 -29.94 -29.24 21.92
CA ILE C 28 -31.30 -28.88 21.53
C ILE C 28 -31.36 -28.83 20.01
N LYS C 29 -32.49 -29.26 19.44
CA LYS C 29 -32.63 -29.42 18.00
C LYS C 29 -32.65 -28.06 17.29
N VAL C 30 -32.58 -28.13 15.96
CA VAL C 30 -32.45 -26.94 15.11
C VAL C 30 -33.72 -26.09 15.15
N SER C 31 -34.89 -26.71 15.36
CA SER C 31 -36.15 -26.00 15.26
C SER C 31 -36.34 -25.01 16.41
N LYS C 32 -36.01 -25.43 17.64
CA LYS C 32 -36.17 -24.56 18.79
C LYS C 32 -35.20 -23.39 18.75
N ALA C 33 -33.95 -23.64 18.34
CA ALA C 33 -32.96 -22.57 18.23
C ALA C 33 -33.33 -21.59 17.12
N ALA C 34 -33.83 -22.10 15.99
CA ALA C 34 -34.27 -21.22 14.91
C ALA C 34 -35.48 -20.40 15.32
N ALA C 35 -36.42 -21.00 16.07
CA ALA C 35 -37.60 -20.27 16.53
C ALA C 35 -37.22 -19.19 17.54
N ASP C 36 -36.26 -19.49 18.42
CA ASP C 36 -35.78 -18.47 19.37
C ASP C 36 -35.07 -17.33 18.65
N LEU C 37 -34.31 -17.66 17.59
CA LEU C 37 -33.64 -16.62 16.80
C LEU C 37 -34.66 -15.74 16.07
N MET C 38 -35.73 -16.35 15.52
CA MET C 38 -36.81 -15.59 14.90
C MET C 38 -37.50 -14.68 15.91
N ALA C 39 -37.75 -15.19 17.12
CA ALA C 39 -38.42 -14.39 18.15
C ALA C 39 -37.57 -13.21 18.58
N TYR C 40 -36.27 -13.42 18.77
CA TYR C 40 -35.40 -12.33 19.20
C TYR C 40 -35.17 -11.33 18.06
N CYS C 41 -35.16 -11.80 16.81
CA CYS C 41 -35.01 -10.87 15.69
C CYS C 41 -36.26 -10.05 15.46
N GLU C 42 -37.44 -10.65 15.61
CA GLU C 42 -38.69 -9.92 15.37
C GLU C 42 -39.06 -9.02 16.54
N ALA C 43 -38.67 -9.37 17.77
CA ALA C 43 -39.09 -8.59 18.92
C ALA C 43 -38.35 -7.26 19.01
N HIS C 44 -37.07 -7.24 18.65
CA HIS C 44 -36.23 -6.06 18.80
C HIS C 44 -36.00 -5.30 17.51
N ALA C 45 -36.79 -5.57 16.47
CA ALA C 45 -36.60 -4.92 15.18
C ALA C 45 -37.06 -3.46 15.16
N LYS C 46 -37.81 -3.01 16.16
CA LYS C 46 -38.28 -1.64 16.21
C LYS C 46 -37.23 -0.66 16.73
N GLU C 47 -36.11 -1.16 17.24
CA GLU C 47 -35.03 -0.32 17.75
C GLU C 47 -33.77 -0.44 16.89
N ASP C 48 -33.94 -0.72 15.59
CA ASP C 48 -32.82 -0.85 14.68
C ASP C 48 -32.78 0.35 13.75
N PRO C 49 -31.84 1.28 13.91
CA PRO C 49 -31.74 2.41 12.98
C PRO C 49 -31.14 2.04 11.64
N LEU C 50 -30.53 0.87 11.50
CA LEU C 50 -29.95 0.44 10.23
C LEU C 50 -30.86 -0.60 9.54
N GLN D 1 -14.14 -30.90 9.92
CA GLN D 1 -12.73 -30.92 10.28
C GLN D 1 -11.90 -31.46 9.12
N VAL D 2 -10.76 -30.83 8.85
CA VAL D 2 -9.87 -31.32 7.81
C VAL D 2 -9.15 -32.56 8.30
N GLN D 3 -9.09 -33.59 7.45
CA GLN D 3 -8.52 -34.87 7.81
C GLN D 3 -7.62 -35.37 6.70
N LEU D 4 -6.40 -35.74 7.06
CA LEU D 4 -5.43 -36.32 6.14
C LEU D 4 -4.99 -37.67 6.70
N GLN D 5 -5.17 -38.72 5.90
CA GLN D 5 -4.84 -40.09 6.34
C GLN D 5 -3.87 -40.71 5.36
N GLU D 6 -2.76 -41.24 5.86
CA GLU D 6 -1.72 -41.83 5.02
C GLU D 6 -1.78 -43.35 5.09
N SER D 7 -1.33 -43.98 4.01
CA SER D 7 -1.25 -45.44 3.94
C SER D 7 -0.09 -45.83 3.04
N GLY D 8 0.59 -46.91 3.40
CA GLY D 8 1.74 -47.38 2.64
C GLY D 8 3.01 -47.48 3.46
N LEU D 18 6.74 -49.17 -3.94
CA LEU D 18 6.00 -48.77 -2.75
C LEU D 18 5.26 -47.46 -2.99
N ARG D 19 3.96 -47.55 -3.24
CA ARG D 19 3.13 -46.41 -3.61
C ARG D 19 2.39 -45.90 -2.37
N LEU D 20 2.77 -44.72 -1.89
CA LEU D 20 2.15 -44.13 -0.72
C LEU D 20 0.92 -43.33 -1.11
N SER D 21 -0.16 -43.50 -0.37
CA SER D 21 -1.42 -42.83 -0.62
C SER D 21 -1.76 -41.90 0.54
N CYS D 22 -2.26 -40.71 0.20
CA CYS D 22 -2.75 -39.76 1.19
C CYS D 22 -4.16 -39.37 0.80
N ALA D 23 -5.12 -39.65 1.68
CA ALA D 23 -6.52 -39.36 1.44
C ALA D 23 -6.94 -38.15 2.27
N ALA D 24 -7.67 -37.23 1.63
CA ALA D 24 -8.07 -35.97 2.24
C ALA D 24 -9.57 -35.88 2.36
N SER D 25 -10.03 -35.23 3.42
CA SER D 25 -11.46 -35.01 3.64
C SER D 25 -11.65 -33.71 4.41
N GLY D 26 -12.86 -33.17 4.31
CA GLY D 26 -13.22 -31.97 5.03
C GLY D 26 -12.95 -30.66 4.32
N PHE D 27 -12.32 -30.69 3.14
CA PHE D 27 -12.07 -29.48 2.38
C PHE D 27 -12.12 -29.80 0.90
N THR D 28 -12.16 -28.75 0.09
CA THR D 28 -12.18 -28.90 -1.37
C THR D 28 -10.75 -29.14 -1.84
N PHE D 29 -10.51 -30.31 -2.43
CA PHE D 29 -9.15 -30.72 -2.78
C PHE D 29 -8.61 -29.97 -3.99
N SER D 30 -9.46 -29.36 -4.81
CA SER D 30 -9.06 -28.74 -6.05
C SER D 30 -8.70 -27.26 -5.90
N ASN D 31 -8.24 -26.85 -4.72
CA ASN D 31 -7.90 -25.44 -4.49
C ASN D 31 -6.56 -25.23 -3.80
N TYR D 32 -5.89 -26.27 -3.34
CA TYR D 32 -4.70 -26.13 -2.51
C TYR D 32 -3.52 -26.87 -3.12
N LYS D 33 -2.32 -26.31 -2.89
CA LYS D 33 -1.07 -26.92 -3.34
C LYS D 33 -0.58 -27.89 -2.28
N MET D 34 -0.23 -29.11 -2.69
CA MET D 34 0.08 -30.19 -1.77
C MET D 34 1.57 -30.49 -1.72
N ASN D 35 2.03 -30.97 -0.56
CA ASN D 35 3.43 -31.22 -0.30
C ASN D 35 3.62 -32.60 0.32
N TRP D 36 4.77 -33.20 0.06
CA TRP D 36 5.24 -34.39 0.77
C TRP D 36 6.51 -34.03 1.52
N VAL D 37 6.52 -34.30 2.82
CA VAL D 37 7.58 -33.91 3.74
C VAL D 37 8.01 -35.14 4.53
N ARG D 38 9.32 -35.41 4.57
CA ARG D 38 9.86 -36.54 5.34
C ARG D 38 10.39 -36.07 6.69
N GLN D 39 10.65 -37.05 7.56
CA GLN D 39 11.29 -36.79 8.84
C GLN D 39 12.15 -38.00 9.18
N ALA D 40 13.47 -37.82 9.17
CA ALA D 40 14.39 -38.87 9.54
C ALA D 40 14.47 -39.00 11.06
N PRO D 41 14.77 -40.20 11.58
CA PRO D 41 14.98 -40.34 13.03
C PRO D 41 16.25 -39.64 13.47
N GLY D 42 16.11 -38.69 14.39
CA GLY D 42 17.21 -37.89 14.85
C GLY D 42 17.46 -36.61 14.09
N LYS D 43 16.73 -36.37 13.00
CA LYS D 43 16.88 -35.17 12.19
C LYS D 43 15.58 -34.39 12.18
N GLY D 44 15.65 -33.15 11.71
CA GLY D 44 14.49 -32.30 11.60
C GLY D 44 13.67 -32.59 10.35
N LEU D 45 12.59 -31.83 10.20
CA LEU D 45 11.74 -31.97 9.03
C LEU D 45 12.43 -31.42 7.79
N GLU D 46 12.32 -32.15 6.68
CA GLU D 46 12.92 -31.76 5.42
C GLU D 46 11.88 -31.85 4.32
N TRP D 47 11.86 -30.85 3.44
CA TRP D 47 10.91 -30.80 2.35
C TRP D 47 11.36 -31.72 1.22
N VAL D 48 10.45 -32.56 0.72
CA VAL D 48 10.75 -33.53 -0.33
C VAL D 48 10.16 -33.10 -1.67
N SER D 49 8.84 -32.96 -1.74
CA SER D 49 8.23 -32.71 -3.04
C SER D 49 6.99 -31.85 -2.89
N ASP D 50 6.60 -31.19 -3.99
CA ASP D 50 5.33 -30.48 -4.00
C ASP D 50 4.71 -30.46 -5.39
N ILE D 51 3.38 -30.37 -5.40
CA ILE D 51 2.59 -30.36 -6.62
C ILE D 51 1.52 -29.26 -6.48
N SER D 52 1.27 -28.56 -7.58
CA SER D 52 0.35 -27.42 -7.58
C SER D 52 -1.10 -27.89 -7.65
N GLN D 53 -2.00 -26.96 -7.94
CA GLN D 53 -3.44 -27.26 -7.92
C GLN D 53 -3.85 -28.13 -9.09
N SER D 54 -3.29 -27.90 -10.26
CA SER D 54 -3.65 -28.64 -11.47
C SER D 54 -2.63 -29.70 -11.85
N GLY D 55 -1.51 -29.78 -11.15
CA GLY D 55 -0.47 -30.73 -11.49
C GLY D 55 0.45 -30.29 -12.60
N ALA D 56 0.29 -29.07 -13.11
CA ALA D 56 1.17 -28.59 -14.18
C ALA D 56 2.57 -28.29 -13.64
N SER D 57 2.67 -27.78 -12.42
CA SER D 57 3.94 -27.47 -11.79
C SER D 57 4.23 -28.54 -10.74
N ILE D 58 5.36 -29.23 -10.90
CA ILE D 58 5.78 -30.31 -10.01
C ILE D 58 7.25 -30.10 -9.69
N SER D 59 7.60 -30.07 -8.40
CA SER D 59 8.98 -29.84 -8.03
C SER D 59 9.42 -30.82 -6.94
N TYR D 60 10.71 -31.15 -6.98
CA TYR D 60 11.33 -32.08 -6.04
C TYR D 60 12.59 -31.47 -5.45
N THR D 61 13.04 -32.06 -4.35
CA THR D 61 14.39 -31.84 -3.86
C THR D 61 15.38 -32.47 -4.83
N GLY D 62 16.58 -31.90 -4.91
CA GLY D 62 17.60 -32.42 -5.81
C GLY D 62 18.09 -33.81 -5.46
N SER D 63 17.95 -34.24 -4.22
CA SER D 63 18.35 -35.58 -3.82
C SER D 63 17.36 -36.65 -4.26
N VAL D 64 16.13 -36.27 -4.60
CA VAL D 64 15.10 -37.23 -5.00
C VAL D 64 14.66 -37.05 -6.44
N LYS D 65 15.25 -36.11 -7.18
CA LYS D 65 14.87 -35.90 -8.57
C LYS D 65 15.38 -37.03 -9.45
N GLY D 66 14.51 -37.49 -10.35
CA GLY D 66 14.82 -38.64 -11.18
C GLY D 66 14.65 -39.97 -10.48
N ARG D 67 14.14 -39.98 -9.26
CA ARG D 67 13.98 -41.19 -8.47
C ARG D 67 12.62 -41.30 -7.81
N PHE D 68 11.90 -40.19 -7.65
CA PHE D 68 10.56 -40.14 -7.07
C PHE D 68 9.59 -39.60 -8.11
N THR D 69 8.29 -39.73 -7.82
CA THR D 69 7.25 -39.19 -8.68
C THR D 69 6.02 -38.91 -7.82
N ILE D 70 5.31 -37.83 -8.13
CA ILE D 70 4.15 -37.41 -7.38
C ILE D 70 2.98 -37.25 -8.35
N SER D 71 1.78 -37.63 -7.89
CA SER D 71 0.57 -37.44 -8.68
C SER D 71 -0.57 -37.10 -7.75
N ARG D 72 -1.58 -36.42 -8.29
CA ARG D 72 -2.79 -36.13 -7.54
C ARG D 72 -4.00 -36.49 -8.40
N ASP D 73 -5.05 -36.95 -7.73
CA ASP D 73 -6.30 -37.30 -8.40
C ASP D 73 -7.40 -36.50 -7.71
N ASN D 74 -7.88 -35.46 -8.40
CA ASN D 74 -8.92 -34.60 -7.85
C ASN D 74 -10.31 -35.19 -7.97
N ALA D 75 -10.48 -36.26 -8.77
CA ALA D 75 -11.78 -36.90 -8.89
C ALA D 75 -12.14 -37.65 -7.62
N LYS D 76 -11.16 -38.31 -7.01
CA LYS D 76 -11.37 -39.00 -5.74
C LYS D 76 -10.70 -38.31 -4.56
N ASN D 77 -10.04 -37.17 -4.81
CA ASN D 77 -9.38 -36.32 -3.81
C ASN D 77 -8.31 -37.10 -3.04
N THR D 78 -7.26 -37.51 -3.77
CA THR D 78 -6.18 -38.30 -3.18
C THR D 78 -4.86 -37.90 -3.80
N LEU D 79 -3.77 -38.24 -3.10
CA LEU D 79 -2.42 -37.86 -3.50
C LEU D 79 -1.51 -39.06 -3.41
N TYR D 80 -0.89 -39.44 -4.53
CA TYR D 80 -0.03 -40.61 -4.61
C TYR D 80 1.43 -40.21 -4.76
N LEU D 81 2.31 -40.98 -4.13
CA LEU D 81 3.75 -40.85 -4.30
C LEU D 81 4.32 -42.21 -4.69
N GLN D 82 5.02 -42.24 -5.83
CA GLN D 82 5.69 -43.44 -6.32
C GLN D 82 7.19 -43.28 -6.15
N MET D 83 7.80 -44.22 -5.42
CA MET D 83 9.22 -44.12 -5.08
C MET D 83 9.90 -45.46 -5.31
N ASN D 84 11.01 -45.41 -6.03
CA ASN D 84 11.76 -46.63 -6.37
C ASN D 84 13.25 -46.33 -6.22
N SER D 85 14.05 -47.39 -6.42
CA SER D 85 15.52 -47.38 -6.27
C SER D 85 15.92 -46.87 -4.89
N LEU D 86 15.44 -47.58 -3.87
CA LEU D 86 15.53 -47.13 -2.49
C LEU D 86 16.97 -47.22 -1.98
N LYS D 87 17.24 -46.45 -0.94
CA LYS D 87 18.52 -46.36 -0.26
C LYS D 87 18.29 -46.46 1.25
N PRO D 88 19.32 -46.81 2.03
CA PRO D 88 19.16 -46.77 3.49
C PRO D 88 18.91 -45.39 4.08
N GLU D 89 19.19 -44.32 3.34
CA GLU D 89 18.94 -42.96 3.81
C GLU D 89 17.47 -42.56 3.73
N ASP D 90 16.61 -43.38 3.14
CA ASP D 90 15.20 -43.06 2.95
C ASP D 90 14.31 -43.56 4.07
N THR D 91 14.87 -44.21 5.10
CA THR D 91 14.08 -44.72 6.22
C THR D 91 13.61 -43.54 7.06
N ALA D 92 12.33 -43.18 6.93
CA ALA D 92 11.81 -41.96 7.53
C ALA D 92 10.31 -42.08 7.72
N VAL D 93 9.75 -41.11 8.43
CA VAL D 93 8.30 -40.96 8.57
C VAL D 93 7.83 -39.91 7.58
N TYR D 94 6.82 -40.25 6.79
CA TYR D 94 6.36 -39.41 5.70
C TYR D 94 5.00 -38.80 6.04
N TYR D 95 4.87 -37.50 5.76
CA TYR D 95 3.62 -36.77 5.95
C TYR D 95 3.23 -36.07 4.66
N CYS D 96 1.92 -35.98 4.42
CA CYS D 96 1.37 -35.14 3.37
C CYS D 96 0.83 -33.86 4.01
N ALA D 97 1.21 -32.71 3.47
CA ALA D 97 0.90 -31.43 4.05
C ALA D 97 0.18 -30.54 3.04
N ARG D 98 -0.65 -29.65 3.55
CA ARG D 98 -1.38 -28.68 2.76
C ARG D 98 -0.99 -27.27 3.19
N CYS D 99 -0.55 -26.45 2.25
CA CYS D 99 -0.24 -25.11 2.72
C CYS D 99 -1.51 -24.27 2.75
N PRO D 100 -1.68 -23.36 3.78
CA PRO D 100 -3.03 -22.96 4.21
C PRO D 100 -3.86 -22.15 3.24
N ALA D 101 -3.30 -21.07 2.71
CA ALA D 101 -4.10 -20.16 1.91
C ALA D 101 -4.29 -20.70 0.50
N PRO D 102 -5.52 -20.81 0.01
CA PRO D 102 -5.74 -21.21 -1.38
C PRO D 102 -5.40 -20.06 -2.33
N PHE D 103 -5.29 -20.43 -3.62
CA PHE D 103 -4.99 -19.52 -4.73
C PHE D 103 -3.68 -18.77 -4.53
N THR D 104 -2.68 -19.47 -3.99
CA THR D 104 -1.37 -18.87 -3.77
C THR D 104 -0.27 -19.61 -4.51
N CYS D 107 1.27 -19.73 2.52
CA CYS D 107 1.92 -20.94 2.04
C CYS D 107 3.37 -20.97 2.52
N PHE D 108 3.55 -20.86 3.83
CA PHE D 108 4.86 -20.70 4.45
C PHE D 108 5.30 -21.89 5.29
N ASP D 109 4.45 -22.35 6.21
CA ASP D 109 4.88 -23.12 7.37
C ASP D 109 4.58 -24.61 7.23
N VAL D 110 4.79 -25.21 6.05
CA VAL D 110 4.65 -26.65 5.92
C VAL D 110 5.77 -27.38 6.65
N THR D 111 6.93 -26.74 6.82
CA THR D 111 8.03 -27.30 7.59
C THR D 111 8.04 -26.58 8.94
N SER D 112 7.21 -27.07 9.86
CA SER D 112 7.07 -26.46 11.17
C SER D 112 6.83 -27.55 12.22
N THR D 113 7.20 -27.23 13.46
CA THR D 113 7.17 -28.22 14.53
C THR D 113 5.74 -28.60 14.90
N THR D 114 4.86 -27.61 15.02
CA THR D 114 3.45 -27.84 15.34
C THR D 114 2.61 -27.22 14.22
N TYR D 115 2.28 -28.03 13.22
CA TYR D 115 1.48 -27.59 12.09
C TYR D 115 0.13 -28.29 12.13
N ALA D 116 -0.93 -27.54 11.88
CA ALA D 116 -2.30 -28.04 12.08
C ALA D 116 -2.94 -28.60 10.83
N TYR D 117 -2.23 -28.65 9.71
CA TYR D 117 -2.81 -29.11 8.44
C TYR D 117 -2.02 -30.26 7.83
N ARG D 118 -1.56 -31.19 8.66
CA ARG D 118 -0.85 -32.36 8.16
C ARG D 118 -1.18 -33.57 9.02
N GLY D 119 -1.01 -34.74 8.44
CA GLY D 119 -1.40 -35.99 9.08
C GLY D 119 -0.34 -36.52 10.01
N GLN D 120 -0.53 -37.79 10.41
CA GLN D 120 0.37 -38.45 11.34
C GLN D 120 1.53 -39.15 10.66
N GLY D 121 1.43 -39.46 9.38
CA GLY D 121 2.53 -40.01 8.62
C GLY D 121 2.62 -41.53 8.68
N THR D 122 3.47 -42.07 7.81
CA THR D 122 3.72 -43.50 7.74
C THR D 122 5.22 -43.76 7.77
N GLN D 123 5.61 -44.87 8.38
CA GLN D 123 7.01 -45.23 8.52
C GLN D 123 7.47 -46.08 7.34
N VAL D 124 8.59 -45.69 6.73
CA VAL D 124 9.20 -46.47 5.66
C VAL D 124 10.63 -46.78 6.07
N THR D 125 10.94 -48.07 6.22
CA THR D 125 12.27 -48.52 6.60
C THR D 125 12.80 -49.43 5.50
N VAL D 126 13.93 -49.06 4.92
CA VAL D 126 14.51 -49.83 3.83
C VAL D 126 15.50 -50.85 4.37
N ASN E 34 -3.39 55.07 -44.56
CA ASN E 34 -3.31 53.90 -43.70
C ASN E 34 -2.85 52.66 -44.47
N GLN E 35 -1.60 52.22 -44.23
CA GLN E 35 -1.01 51.14 -45.09
C GLN E 35 -1.18 49.71 -44.55
N PHE E 36 -1.52 49.52 -43.28
CA PHE E 36 -1.57 48.18 -42.73
C PHE E 36 -2.85 47.42 -43.13
N VAL E 37 -2.99 47.09 -44.41
CA VAL E 37 -4.19 46.37 -44.85
C VAL E 37 -3.74 45.18 -45.68
N GLN E 38 -4.50 44.09 -45.59
CA GLN E 38 -4.09 42.88 -46.27
C GLN E 38 -5.24 42.33 -47.11
N PRO E 39 -4.94 41.68 -48.23
CA PRO E 39 -5.99 41.00 -49.00
C PRO E 39 -6.53 39.75 -48.32
N ALA E 40 -7.43 39.03 -49.00
CA ALA E 40 -8.18 37.96 -48.33
C ALA E 40 -7.32 36.72 -48.09
N TRP E 41 -6.44 36.36 -49.04
CA TRP E 41 -5.82 35.05 -49.02
C TRP E 41 -4.76 34.92 -47.92
N GLN E 42 -3.98 35.98 -47.69
CA GLN E 42 -3.00 35.97 -46.60
C GLN E 42 -3.70 35.89 -45.24
N ILE E 43 -4.82 36.60 -45.10
CA ILE E 43 -5.58 36.58 -43.86
C ILE E 43 -6.18 35.19 -43.61
N VAL E 44 -6.65 34.53 -44.68
CA VAL E 44 -7.18 33.17 -44.55
C VAL E 44 -6.08 32.18 -44.12
N LEU E 45 -4.89 32.30 -44.73
CA LEU E 45 -3.77 31.43 -44.37
C LEU E 45 -3.34 31.61 -42.92
N TRP E 46 -3.22 32.87 -42.48
CA TRP E 46 -2.83 33.12 -41.10
C TRP E 46 -3.92 32.72 -40.11
N ALA E 47 -5.20 32.87 -40.50
CA ALA E 47 -6.30 32.47 -39.63
C ALA E 47 -6.32 30.97 -39.41
N ALA E 48 -6.09 30.18 -40.47
CA ALA E 48 -6.01 28.73 -40.30
C ALA E 48 -4.80 28.33 -39.46
N ALA E 49 -3.64 28.94 -39.73
CA ALA E 49 -2.42 28.60 -39.00
C ALA E 49 -2.47 29.00 -37.52
N TYR E 50 -3.32 29.96 -37.16
CA TYR E 50 -3.51 30.28 -35.75
C TYR E 50 -4.63 29.46 -35.11
N THR E 51 -5.68 29.13 -35.87
CA THR E 51 -6.79 28.36 -35.34
C THR E 51 -6.36 26.96 -34.93
N VAL E 52 -5.45 26.35 -35.72
CA VAL E 52 -4.96 25.01 -35.41
C VAL E 52 -4.26 24.97 -34.05
N ILE E 53 -3.35 25.93 -33.81
CA ILE E 53 -2.59 25.89 -32.57
C ILE E 53 -3.44 26.31 -31.37
N VAL E 54 -4.41 27.22 -31.54
CA VAL E 54 -5.22 27.59 -30.37
C VAL E 54 -6.16 26.45 -29.98
N VAL E 55 -6.73 25.74 -30.97
CA VAL E 55 -7.63 24.63 -30.67
C VAL E 55 -6.87 23.49 -29.99
N THR E 56 -5.69 23.13 -30.54
CA THR E 56 -4.88 22.07 -29.96
C THR E 56 -4.42 22.42 -28.55
N SER E 57 -4.00 23.68 -28.34
CA SER E 57 -3.49 24.10 -27.03
C SER E 57 -4.57 24.06 -25.96
N VAL E 58 -5.74 24.67 -26.23
CA VAL E 58 -6.75 24.75 -25.18
C VAL E 58 -7.35 23.36 -24.90
N VAL E 59 -7.52 22.52 -25.94
CA VAL E 59 -8.10 21.20 -25.73
C VAL E 59 -7.15 20.31 -24.93
N GLY E 60 -5.87 20.29 -25.32
CA GLY E 60 -4.90 19.47 -24.60
C GLY E 60 -4.69 19.91 -23.17
N ASN E 61 -4.61 21.22 -22.93
CA ASN E 61 -4.33 21.70 -21.58
C ASN E 61 -5.51 21.49 -20.65
N VAL E 62 -6.75 21.75 -21.08
CA VAL E 62 -7.86 21.53 -20.16
C VAL E 62 -8.15 20.04 -19.98
N VAL E 63 -7.80 19.20 -20.98
CA VAL E 63 -7.98 17.76 -20.78
C VAL E 63 -6.97 17.22 -19.78
N VAL E 64 -5.70 17.66 -19.87
CA VAL E 64 -4.68 17.23 -18.90
C VAL E 64 -5.03 17.71 -17.48
N MET E 65 -5.54 18.94 -17.37
CA MET E 65 -5.96 19.45 -16.06
C MET E 65 -7.13 18.64 -15.49
N TRP E 66 -8.07 18.23 -16.34
CA TRP E 66 -9.17 17.39 -15.89
C TRP E 66 -8.71 16.01 -15.46
N ILE E 67 -7.75 15.41 -16.20
CA ILE E 67 -7.24 14.08 -15.86
C ILE E 67 -6.54 14.09 -14.49
N ILE E 68 -5.73 15.12 -14.25
CA ILE E 68 -5.07 15.16 -12.94
C ILE E 68 -6.06 15.50 -11.82
N LEU E 69 -6.99 16.42 -12.05
CA LEU E 69 -7.85 16.87 -10.96
C LEU E 69 -9.12 16.04 -10.75
N ALA E 70 -9.39 15.03 -11.59
CA ALA E 70 -10.71 14.40 -11.56
C ALA E 70 -10.72 12.90 -11.28
N HIS E 71 -9.56 12.26 -11.11
CA HIS E 71 -9.55 10.81 -10.93
C HIS E 71 -9.24 10.36 -9.50
N LYS E 72 -8.97 11.28 -8.58
CA LYS E 72 -8.84 11.09 -7.13
C LYS E 72 -7.64 10.24 -6.71
N ARG E 73 -6.86 9.70 -7.65
CA ARG E 73 -5.59 9.05 -7.36
C ARG E 73 -4.41 9.81 -7.91
N MET E 74 -4.64 10.74 -8.85
CA MET E 74 -3.57 11.58 -9.36
C MET E 74 -3.44 12.89 -8.60
N ARG E 75 -4.35 13.20 -7.68
CA ARG E 75 -4.18 14.40 -6.87
C ARG E 75 -3.07 14.18 -5.85
N THR E 76 -1.87 14.60 -6.21
CA THR E 76 -0.67 14.31 -5.44
C THR E 76 0.13 15.61 -5.39
N VAL E 77 1.01 15.73 -4.39
CA VAL E 77 1.90 16.88 -4.26
C VAL E 77 2.85 16.99 -5.46
N THR E 78 3.13 15.85 -6.11
CA THR E 78 4.00 15.83 -7.29
C THR E 78 3.41 16.59 -8.47
N ASN E 79 2.09 16.52 -8.65
CA ASN E 79 1.43 17.02 -9.85
C ASN E 79 0.89 18.44 -9.74
N TYR E 80 1.16 19.13 -8.63
CA TYR E 80 0.68 20.50 -8.44
C TYR E 80 1.31 21.45 -9.45
N PHE E 81 2.61 21.30 -9.70
CA PHE E 81 3.28 22.14 -10.68
C PHE E 81 2.81 21.83 -12.09
N LEU E 82 2.43 20.58 -12.34
CA LEU E 82 1.87 20.20 -13.63
C LEU E 82 0.53 20.87 -13.88
N VAL E 83 -0.35 20.91 -12.87
CA VAL E 83 -1.64 21.57 -13.11
C VAL E 83 -1.47 23.09 -13.14
N ASN E 84 -0.46 23.63 -12.45
CA ASN E 84 -0.18 25.07 -12.55
C ASN E 84 0.31 25.43 -13.94
N LEU E 85 1.20 24.60 -14.50
CA LEU E 85 1.69 24.82 -15.86
C LEU E 85 0.57 24.67 -16.89
N ALA E 86 -0.32 23.69 -16.68
CA ALA E 86 -1.44 23.51 -17.60
C ALA E 86 -2.40 24.70 -17.57
N PHE E 87 -2.71 25.22 -16.38
CA PHE E 87 -3.58 26.39 -16.29
C PHE E 87 -2.91 27.62 -16.89
N ALA E 88 -1.61 27.80 -16.65
CA ALA E 88 -0.89 28.94 -17.21
C ALA E 88 -0.83 28.89 -18.73
N GLU E 89 -0.63 27.69 -19.30
CA GLU E 89 -0.58 27.56 -20.75
C GLU E 89 -1.96 27.73 -21.38
N ALA E 90 -3.02 27.25 -20.71
CA ALA E 90 -4.37 27.47 -21.23
C ALA E 90 -4.75 28.95 -21.22
N SER E 91 -4.44 29.66 -20.13
CA SER E 91 -4.67 31.09 -20.07
C SER E 91 -3.79 31.88 -21.04
N MET E 92 -2.57 31.42 -21.29
CA MET E 92 -1.68 32.00 -22.30
C MET E 92 -2.20 31.84 -23.72
N ALA E 93 -2.74 30.67 -24.06
CA ALA E 93 -3.22 30.42 -25.42
C ALA E 93 -4.66 30.85 -25.65
N ALA E 94 -5.42 31.17 -24.61
CA ALA E 94 -6.80 31.60 -24.84
C ALA E 94 -6.88 33.10 -25.17
N PHE E 95 -6.09 33.91 -24.49
CA PHE E 95 -6.21 35.37 -24.62
C PHE E 95 -5.12 35.95 -25.50
N ASN E 96 -3.86 35.64 -25.17
CA ASN E 96 -2.72 36.35 -25.75
C ASN E 96 -2.51 36.04 -27.22
N THR E 97 -3.01 34.91 -27.69
CA THR E 97 -2.85 34.61 -29.10
C THR E 97 -4.00 35.19 -29.92
N VAL E 98 -5.22 35.03 -29.42
CA VAL E 98 -6.42 35.42 -30.17
C VAL E 98 -6.52 36.95 -30.27
N VAL E 99 -6.34 37.66 -29.16
CA VAL E 99 -6.48 39.11 -29.18
C VAL E 99 -5.34 39.76 -29.96
N ASN E 100 -4.13 39.21 -29.86
CA ASN E 100 -3.01 39.74 -30.64
C ASN E 100 -3.17 39.44 -32.12
N PHE E 101 -3.79 38.31 -32.48
CA PHE E 101 -4.06 38.06 -33.89
C PHE E 101 -5.11 39.04 -34.44
N THR E 102 -6.20 39.25 -33.69
CA THR E 102 -7.22 40.19 -34.14
C THR E 102 -6.75 41.65 -34.11
N TYR E 103 -5.69 41.96 -33.36
CA TYR E 103 -5.05 43.26 -33.45
C TYR E 103 -4.01 43.35 -34.56
N ALA E 104 -3.37 42.23 -34.91
CA ALA E 104 -2.29 42.26 -35.89
C ALA E 104 -2.75 42.02 -37.32
N VAL E 105 -3.99 41.62 -37.54
CA VAL E 105 -4.54 41.51 -38.89
C VAL E 105 -4.63 42.87 -39.58
N HIS E 106 -5.24 43.86 -38.94
CA HIS E 106 -5.50 45.14 -39.58
C HIS E 106 -4.89 46.33 -38.86
N ASN E 107 -4.18 46.12 -37.74
CA ASN E 107 -3.56 47.15 -36.90
C ASN E 107 -4.59 48.18 -36.41
N GLU E 108 -5.74 47.69 -35.96
CA GLU E 108 -6.77 48.52 -35.36
C GLU E 108 -7.27 47.88 -34.08
N TRP E 109 -7.63 48.71 -33.11
CA TRP E 109 -8.14 48.25 -31.82
C TRP E 109 -9.66 48.22 -31.86
N TYR E 110 -10.26 47.17 -31.31
CA TYR E 110 -11.68 46.91 -31.47
C TYR E 110 -12.46 46.84 -30.16
N TYR E 111 -11.80 46.90 -29.01
CA TYR E 111 -12.46 46.61 -27.73
C TYR E 111 -12.59 47.84 -26.84
N GLY E 112 -11.50 48.51 -26.50
CA GLY E 112 -11.60 49.71 -25.70
C GLY E 112 -10.40 49.86 -24.77
N LEU E 113 -10.45 50.95 -24.00
CA LEU E 113 -9.33 51.32 -23.13
C LEU E 113 -9.17 50.34 -21.98
N PHE E 114 -10.28 49.90 -21.38
CA PHE E 114 -10.21 48.97 -20.25
C PHE E 114 -9.65 47.61 -20.69
N TYR E 115 -10.05 47.14 -21.87
CA TYR E 115 -9.48 45.88 -22.34
C TYR E 115 -8.05 46.05 -22.82
N CYS E 116 -7.66 47.24 -23.27
CA CYS E 116 -6.26 47.52 -23.55
C CYS E 116 -5.41 47.42 -22.29
N LYS E 117 -5.92 47.96 -21.18
CA LYS E 117 -5.23 47.86 -19.89
C LYS E 117 -5.15 46.40 -19.41
N PHE E 118 -6.27 45.67 -19.51
CA PHE E 118 -6.30 44.29 -19.02
C PHE E 118 -5.44 43.36 -19.88
N HIS E 119 -5.41 43.60 -21.20
CA HIS E 119 -4.59 42.80 -22.09
C HIS E 119 -3.11 43.12 -21.94
N ASN E 120 -2.77 44.34 -21.59
CA ASN E 120 -1.36 44.62 -21.30
C ASN E 120 -0.97 44.24 -19.87
N PHE E 121 -1.95 43.88 -19.02
CA PHE E 121 -1.61 43.44 -17.67
C PHE E 121 -1.51 41.92 -17.54
N PHE E 122 -2.60 41.19 -17.83
CA PHE E 122 -2.70 39.78 -17.40
C PHE E 122 -2.01 38.71 -18.25
N PRO E 123 -2.14 38.65 -19.60
CA PRO E 123 -1.55 37.51 -20.32
C PRO E 123 -0.02 37.50 -20.34
N ILE E 124 0.63 38.65 -20.17
CA ILE E 124 2.09 38.67 -20.04
C ILE E 124 2.50 38.02 -18.72
N ALA E 125 1.71 38.24 -17.66
CA ALA E 125 1.91 37.53 -16.41
C ALA E 125 1.65 36.04 -16.55
N ALA E 126 0.69 35.66 -17.41
CA ALA E 126 0.48 34.25 -17.70
C ALA E 126 1.69 33.61 -18.39
N VAL E 127 2.32 34.35 -19.31
CA VAL E 127 3.52 33.87 -19.99
C VAL E 127 4.66 33.67 -18.98
N PHE E 128 4.85 34.65 -18.09
CA PHE E 128 5.90 34.55 -17.06
C PHE E 128 5.65 33.38 -16.12
N ALA E 129 4.40 33.19 -15.70
CA ALA E 129 4.05 32.10 -14.80
C ALA E 129 4.25 30.74 -15.46
N SER E 130 3.97 30.65 -16.78
CA SER E 130 4.20 29.41 -17.51
C SER E 130 5.68 29.04 -17.56
N ILE E 131 6.54 30.03 -17.85
CA ILE E 131 7.97 29.77 -17.94
C ILE E 131 8.56 29.38 -16.58
N TYR E 132 8.15 30.09 -15.53
CA TYR E 132 8.68 29.75 -14.21
C TYR E 132 8.11 28.43 -13.67
N SER E 133 6.90 28.06 -14.09
CA SER E 133 6.37 26.75 -13.73
C SER E 133 7.16 25.63 -14.41
N MET E 134 7.58 25.86 -15.66
CA MET E 134 8.46 24.90 -16.34
C MET E 134 9.80 24.75 -15.62
N THR E 135 10.35 25.87 -15.14
CA THR E 135 11.59 25.81 -14.35
C THR E 135 11.40 25.05 -13.05
N ALA E 136 10.25 25.23 -12.38
CA ALA E 136 9.98 24.51 -11.13
C ALA E 136 9.82 23.01 -11.36
N VAL E 137 9.18 22.62 -12.48
CA VAL E 137 9.05 21.21 -12.83
C VAL E 137 10.43 20.59 -13.06
N ALA E 138 11.32 21.31 -13.76
CA ALA E 138 12.68 20.83 -13.95
C ALA E 138 13.44 20.70 -12.63
N PHE E 139 13.20 21.62 -11.70
CA PHE E 139 13.84 21.57 -10.39
C PHE E 139 13.41 20.33 -9.60
N ASP E 140 12.11 20.01 -9.60
CA ASP E 140 11.65 18.81 -8.90
C ASP E 140 12.15 17.53 -9.56
N ARG E 141 12.23 17.50 -10.90
CA ARG E 141 12.78 16.32 -11.56
C ARG E 141 14.25 16.11 -11.23
N TYR E 142 15.02 17.21 -11.16
CA TYR E 142 16.43 17.10 -10.78
C TYR E 142 16.59 16.58 -9.36
N MET E 143 15.83 17.12 -8.41
CA MET E 143 15.98 16.65 -7.03
C MET E 143 15.35 15.29 -6.80
N ALA E 144 14.44 14.86 -7.67
CA ALA E 144 13.91 13.50 -7.56
C ALA E 144 14.87 12.46 -8.10
N ILE E 145 15.59 12.75 -9.17
CA ILE E 145 16.49 11.75 -9.76
C ILE E 145 17.86 11.77 -9.08
N ILE E 146 18.43 12.94 -8.80
CA ILE E 146 19.81 12.99 -8.33
C ILE E 146 19.89 12.69 -6.83
N HIS E 147 18.94 13.18 -6.03
CA HIS E 147 18.92 12.98 -4.59
C HIS E 147 17.64 12.26 -4.20
N PRO E 148 17.56 10.95 -4.38
CA PRO E 148 16.29 10.25 -4.16
C PRO E 148 15.96 10.00 -2.70
N LEU E 149 16.98 9.89 -1.85
CA LEU E 149 16.76 9.56 -0.45
C LEU E 149 16.28 10.75 0.38
N GLN E 150 16.43 11.97 -0.13
CA GLN E 150 15.89 13.13 0.57
C GLN E 150 14.38 13.17 0.39
N PRO E 151 13.63 13.62 1.41
CA PRO E 151 12.18 13.70 1.27
C PRO E 151 11.76 14.84 0.34
N ARG E 152 10.64 14.62 -0.33
CA ARG E 152 10.09 15.59 -1.27
C ARG E 152 9.46 16.74 -0.46
N LEU E 153 9.32 17.90 -1.11
CA LEU E 153 8.86 19.11 -0.44
C LEU E 153 7.41 18.97 0.02
N SER E 154 7.06 19.72 1.06
CA SER E 154 5.74 19.60 1.67
C SER E 154 4.68 20.23 0.76
N ALA E 155 3.41 20.00 1.11
CA ALA E 155 2.31 20.57 0.35
C ALA E 155 2.25 22.09 0.52
N THR E 156 2.49 22.57 1.74
CA THR E 156 2.44 24.01 1.98
C THR E 156 3.61 24.74 1.33
N ALA E 157 4.78 24.10 1.22
CA ALA E 157 5.90 24.72 0.51
C ALA E 157 5.62 24.80 -0.99
N THR E 158 4.94 23.79 -1.54
CA THR E 158 4.53 23.81 -2.94
C THR E 158 3.53 24.93 -3.21
N LYS E 159 2.57 25.11 -2.31
CA LYS E 159 1.58 26.18 -2.47
C LYS E 159 2.22 27.57 -2.33
N VAL E 160 3.18 27.72 -1.41
CA VAL E 160 3.91 28.98 -1.29
C VAL E 160 4.72 29.27 -2.54
N VAL E 161 5.35 28.25 -3.13
CA VAL E 161 6.15 28.46 -4.34
C VAL E 161 5.26 28.87 -5.52
N ILE E 162 4.06 28.26 -5.63
CA ILE E 162 3.10 28.64 -6.66
C ILE E 162 2.64 30.09 -6.47
N CYS E 163 2.35 30.48 -5.23
CA CYS E 163 1.91 31.84 -4.95
C CYS E 163 3.01 32.88 -5.24
N VAL E 164 4.26 32.56 -4.90
CA VAL E 164 5.38 33.46 -5.19
C VAL E 164 5.59 33.58 -6.70
N ILE E 165 5.39 32.48 -7.44
CA ILE E 165 5.52 32.51 -8.90
C ILE E 165 4.48 33.44 -9.52
N TRP E 166 3.23 33.35 -9.06
CA TRP E 166 2.19 34.20 -9.63
C TRP E 166 2.34 35.66 -9.23
N VAL E 167 2.76 35.93 -7.98
CA VAL E 167 2.97 37.31 -7.54
C VAL E 167 4.14 37.95 -8.28
N LEU E 168 5.24 37.20 -8.47
CA LEU E 168 6.36 37.73 -9.25
C LEU E 168 5.99 37.97 -10.71
N ALA E 169 5.15 37.10 -11.29
CA ALA E 169 4.69 37.31 -12.66
C ALA E 169 3.84 38.57 -12.79
N LEU E 170 2.92 38.78 -11.84
CA LEU E 170 2.09 39.98 -11.87
C LEU E 170 2.90 41.25 -11.63
N LEU E 171 3.89 41.18 -10.73
CA LEU E 171 4.73 42.34 -10.45
C LEU E 171 5.65 42.67 -11.62
N LEU E 172 6.07 41.65 -12.38
CA LEU E 172 6.88 41.93 -13.57
C LEU E 172 6.03 42.45 -14.72
N ALA E 173 4.77 42.03 -14.83
CA ALA E 173 3.91 42.48 -15.93
C ALA E 173 3.12 43.74 -15.60
N PHE E 174 3.20 44.24 -14.36
CA PHE E 174 2.48 45.46 -13.99
C PHE E 174 2.88 46.74 -14.75
N PRO E 175 4.17 47.10 -14.93
CA PRO E 175 4.46 48.42 -15.55
C PRO E 175 4.06 48.53 -17.01
N GLN E 176 3.89 47.43 -17.73
CA GLN E 176 3.39 47.53 -19.10
C GLN E 176 1.90 47.84 -19.11
N GLY E 177 1.14 47.21 -18.21
CA GLY E 177 -0.29 47.44 -18.15
C GLY E 177 -0.69 48.75 -17.49
N TYR E 178 0.17 49.31 -16.64
CA TYR E 178 -0.15 50.58 -16.02
C TYR E 178 -0.04 51.73 -17.02
N TYR E 179 1.04 51.74 -17.82
CA TYR E 179 1.32 52.83 -18.75
C TYR E 179 0.64 52.65 -20.10
N SER E 180 -0.17 51.61 -20.27
CA SER E 180 -0.86 51.39 -21.53
C SER E 180 -1.94 52.44 -21.74
N THR E 181 -2.14 52.83 -23.00
CA THR E 181 -3.12 53.86 -23.33
C THR E 181 -3.68 53.60 -24.72
N THR E 182 -4.76 54.30 -25.04
CA THR E 182 -5.43 54.18 -26.33
C THR E 182 -5.53 55.56 -26.96
N GLU E 183 -4.99 55.69 -28.17
CA GLU E 183 -4.97 56.97 -28.88
C GLU E 183 -5.68 56.85 -30.21
N THR E 184 -6.31 57.94 -30.64
CA THR E 184 -6.97 58.03 -31.93
C THR E 184 -6.09 58.74 -32.95
N MET E 185 -6.32 58.41 -34.21
CA MET E 185 -5.63 58.93 -35.38
C MET E 185 -6.60 58.85 -36.54
N PRO E 186 -6.34 59.58 -37.65
CA PRO E 186 -7.17 59.40 -38.87
C PRO E 186 -7.28 57.96 -39.34
N SER E 187 -8.51 57.43 -39.21
CA SER E 187 -8.87 56.04 -39.48
C SER E 187 -8.05 55.04 -38.67
N ARG E 188 -7.58 55.41 -37.48
CA ARG E 188 -6.83 54.49 -36.63
C ARG E 188 -7.20 54.69 -35.17
N VAL E 189 -7.30 53.58 -34.44
CA VAL E 189 -7.37 53.59 -32.99
C VAL E 189 -6.37 52.56 -32.50
N VAL E 190 -5.40 52.98 -31.69
CA VAL E 190 -4.27 52.14 -31.35
C VAL E 190 -4.10 52.06 -29.83
N CYS E 191 -3.80 50.85 -29.34
CA CYS E 191 -3.41 50.63 -27.96
C CYS E 191 -1.90 50.49 -27.91
N MET E 192 -1.23 51.41 -27.21
CA MET E 192 0.22 51.46 -27.17
C MET E 192 0.68 51.62 -25.74
N ILE E 193 2.00 51.60 -25.57
CA ILE E 193 2.62 51.73 -24.25
C ILE E 193 3.35 53.08 -24.24
N GLU E 194 2.68 54.10 -23.71
CA GLU E 194 3.27 55.44 -23.62
C GLU E 194 4.16 55.48 -22.38
N TRP E 195 5.44 55.18 -22.59
CA TRP E 195 6.41 55.29 -21.52
C TRP E 195 6.69 56.76 -21.21
N PRO E 196 7.12 57.09 -19.99
CA PRO E 196 7.50 58.48 -19.69
C PRO E 196 8.68 58.94 -20.53
N GLU E 197 8.64 60.21 -20.94
CA GLU E 197 9.60 60.74 -21.89
C GLU E 197 10.93 61.05 -21.23
N HIS E 198 12.01 60.76 -21.96
CA HIS E 198 13.37 61.05 -21.52
C HIS E 198 14.18 61.39 -22.75
N PRO E 199 15.19 62.26 -22.64
CA PRO E 199 16.02 62.58 -23.81
C PRO E 199 16.89 61.44 -24.31
N ASN E 200 17.12 60.40 -23.49
CA ASN E 200 18.01 59.31 -23.89
C ASN E 200 17.34 57.94 -23.89
N LYS E 201 16.06 57.86 -23.51
CA LYS E 201 15.25 56.63 -23.48
C LYS E 201 15.88 55.56 -22.59
N ILE E 202 15.95 55.86 -21.30
CA ILE E 202 16.59 54.96 -20.35
C ILE E 202 15.60 53.96 -19.75
N TYR E 203 14.38 54.41 -19.47
CA TYR E 203 13.41 53.61 -18.71
C TYR E 203 13.00 52.35 -19.46
N GLU E 204 12.54 52.52 -20.70
CA GLU E 204 12.07 51.37 -21.47
C GLU E 204 13.22 50.49 -21.92
N LYS E 205 14.40 51.07 -22.16
CA LYS E 205 15.58 50.28 -22.52
C LYS E 205 16.00 49.37 -21.37
N VAL E 206 16.08 49.94 -20.16
CA VAL E 206 16.46 49.16 -18.98
C VAL E 206 15.41 48.11 -18.66
N TYR E 207 14.11 48.47 -18.82
CA TYR E 207 13.05 47.51 -18.57
C TYR E 207 13.08 46.35 -19.56
N HIS E 208 13.32 46.64 -20.84
CA HIS E 208 13.34 45.57 -21.84
C HIS E 208 14.55 44.66 -21.69
N ILE E 209 15.71 45.24 -21.37
CA ILE E 209 16.91 44.42 -21.12
C ILE E 209 16.72 43.55 -19.88
N CYS E 210 16.12 44.11 -18.82
CA CYS E 210 15.88 43.34 -17.60
C CYS E 210 14.87 42.22 -17.81
N VAL E 211 13.82 42.48 -18.59
CA VAL E 211 12.83 41.41 -18.77
C VAL E 211 13.36 40.36 -19.74
N THR E 212 14.26 40.74 -20.66
CA THR E 212 14.93 39.75 -21.50
C THR E 212 15.83 38.84 -20.68
N VAL E 213 16.58 39.41 -19.73
CA VAL E 213 17.42 38.61 -18.83
C VAL E 213 16.57 37.70 -17.95
N LEU E 214 15.44 38.21 -17.45
CA LEU E 214 14.62 37.40 -16.55
C LEU E 214 13.80 36.34 -17.28
N ILE E 215 13.52 36.49 -18.58
CA ILE E 215 12.80 35.44 -19.29
C ILE E 215 13.78 34.43 -19.88
N TYR E 216 14.78 34.89 -20.64
CA TYR E 216 15.49 33.98 -21.51
C TYR E 216 16.70 33.33 -20.86
N PHE E 217 17.64 34.14 -20.35
CA PHE E 217 18.99 33.64 -20.09
C PHE E 217 19.06 32.80 -18.81
N LEU E 218 18.28 33.15 -17.79
CA LEU E 218 18.42 32.42 -16.52
C LEU E 218 17.75 31.05 -16.51
N PRO E 219 16.45 30.88 -16.82
CA PRO E 219 15.90 29.52 -16.75
C PRO E 219 16.38 28.60 -17.87
N LEU E 220 16.90 29.15 -18.97
CA LEU E 220 17.58 28.31 -19.95
C LEU E 220 18.83 27.66 -19.34
N LEU E 221 19.61 28.44 -18.59
CA LEU E 221 20.79 27.90 -17.90
C LEU E 221 20.39 26.89 -16.84
N VAL E 222 19.33 27.18 -16.08
CA VAL E 222 18.90 26.29 -15.00
C VAL E 222 18.39 24.97 -15.56
N ILE E 223 17.51 25.03 -16.58
CA ILE E 223 16.95 23.83 -17.19
C ILE E 223 18.03 23.04 -17.92
N GLY E 224 18.97 23.73 -18.58
CA GLY E 224 20.04 23.05 -19.29
C GLY E 224 20.98 22.31 -18.35
N TYR E 225 21.36 22.94 -17.24
CA TYR E 225 22.23 22.27 -16.26
C TYR E 225 21.53 21.08 -15.61
N ALA E 226 20.27 21.27 -15.18
CA ALA E 226 19.54 20.22 -14.49
C ALA E 226 19.29 19.02 -15.40
N TYR E 227 18.85 19.28 -16.63
CA TYR E 227 18.57 18.18 -17.55
C TYR E 227 19.85 17.55 -18.08
N THR E 228 20.96 18.29 -18.15
CA THR E 228 22.23 17.71 -18.52
C THR E 228 22.71 16.73 -17.46
N VAL E 229 22.62 17.11 -16.19
CA VAL E 229 23.04 16.21 -15.10
C VAL E 229 22.13 14.98 -15.02
N VAL E 230 20.81 15.17 -15.18
CA VAL E 230 19.87 14.06 -15.13
C VAL E 230 20.07 13.11 -16.32
N GLY E 231 20.28 13.66 -17.51
CA GLY E 231 20.52 12.82 -18.67
C GLY E 231 21.85 12.07 -18.63
N ILE E 232 22.89 12.71 -18.08
CA ILE E 232 24.17 12.03 -17.91
C ILE E 232 24.04 10.89 -16.90
N THR E 233 23.31 11.11 -15.80
CA THR E 233 23.09 10.06 -14.81
C THR E 233 22.26 8.90 -15.37
N LEU E 234 21.19 9.21 -16.11
CA LEU E 234 20.31 8.16 -16.59
C LEU E 234 20.91 7.38 -17.77
N TRP E 235 21.66 8.06 -18.65
CA TRP E 235 22.26 7.38 -19.79
C TRP E 235 23.46 6.56 -19.34
N GLN E 250 15.68 -2.39 -19.41
CA GLN E 250 14.87 -1.19 -19.22
C GLN E 250 15.68 0.06 -19.49
N VAL E 251 16.68 -0.07 -20.37
CA VAL E 251 17.51 1.07 -20.74
C VAL E 251 16.78 1.96 -21.73
N SER E 252 15.82 1.39 -22.48
CA SER E 252 15.11 2.11 -23.53
C SER E 252 14.22 3.20 -22.95
N ALA E 253 13.62 2.97 -21.78
CA ALA E 253 12.81 3.99 -21.13
C ALA E 253 13.67 5.17 -20.67
N LYS E 254 14.86 4.88 -20.14
CA LYS E 254 15.78 5.95 -19.74
C LYS E 254 16.26 6.75 -20.94
N ARG E 255 16.54 6.07 -22.06
CA ARG E 255 16.96 6.79 -23.26
C ARG E 255 15.81 7.61 -23.86
N LYS E 256 14.57 7.13 -23.72
CA LYS E 256 13.42 7.91 -24.13
C LYS E 256 13.26 9.17 -23.27
N VAL E 257 13.54 9.05 -21.97
CA VAL E 257 13.51 10.19 -21.07
C VAL E 257 14.57 11.23 -21.46
N VAL E 258 15.78 10.75 -21.78
CA VAL E 258 16.87 11.66 -22.18
C VAL E 258 16.54 12.36 -23.50
N LYS E 259 15.95 11.63 -24.45
CA LYS E 259 15.53 12.22 -25.71
C LYS E 259 14.42 13.26 -25.51
N MET E 260 13.51 12.99 -24.56
CA MET E 260 12.46 13.95 -24.23
C MET E 260 13.04 15.26 -23.69
N MET E 261 14.01 15.17 -22.77
CA MET E 261 14.61 16.39 -22.22
C MET E 261 15.42 17.16 -23.27
N ILE E 262 16.09 16.44 -24.18
CA ILE E 262 16.80 17.10 -25.28
C ILE E 262 15.82 17.85 -26.18
N VAL E 263 14.67 17.23 -26.48
CA VAL E 263 13.63 17.88 -27.29
C VAL E 263 13.09 19.12 -26.59
N VAL E 264 12.85 19.03 -25.28
CA VAL E 264 12.28 20.16 -24.52
C VAL E 264 13.22 21.36 -24.52
N VAL E 265 14.51 21.13 -24.26
CA VAL E 265 15.48 22.23 -24.23
C VAL E 265 15.65 22.85 -25.61
N CYS E 266 15.75 22.02 -26.66
CA CYS E 266 15.95 22.53 -28.01
C CYS E 266 14.75 23.33 -28.50
N THR E 267 13.53 22.84 -28.26
CA THR E 267 12.34 23.58 -28.69
C THR E 267 12.17 24.88 -27.90
N PHE E 268 12.52 24.88 -26.60
CA PHE E 268 12.43 26.12 -25.82
C PHE E 268 13.35 27.19 -26.38
N ALA E 269 14.62 26.85 -26.64
CA ALA E 269 15.58 27.84 -27.14
C ALA E 269 15.21 28.32 -28.55
N ILE E 270 14.87 27.38 -29.44
CA ILE E 270 14.61 27.73 -30.84
C ILE E 270 13.30 28.50 -30.97
N CYS E 271 12.32 28.23 -30.10
CA CYS E 271 11.05 28.92 -30.21
C CYS E 271 10.98 30.20 -29.40
N TRP E 272 11.95 30.48 -28.53
CA TRP E 272 11.91 31.74 -27.78
C TRP E 272 13.03 32.71 -28.13
N LEU E 273 13.95 32.36 -29.04
CA LEU E 273 14.96 33.33 -29.47
C LEU E 273 14.41 34.54 -30.27
N PRO E 274 13.70 34.37 -31.40
CA PRO E 274 13.43 35.55 -32.24
C PRO E 274 12.36 36.48 -31.67
N PHE E 275 11.54 36.01 -30.72
CA PHE E 275 10.61 36.87 -30.00
C PHE E 275 11.35 37.98 -29.26
N HIS E 276 12.37 37.60 -28.49
CA HIS E 276 13.17 38.59 -27.78
C HIS E 276 14.06 39.38 -28.72
N ILE E 277 14.50 38.77 -29.83
CA ILE E 277 15.28 39.53 -30.82
C ILE E 277 14.43 40.65 -31.43
N PHE E 278 13.18 40.36 -31.78
CA PHE E 278 12.31 41.39 -32.35
C PHE E 278 11.93 42.44 -31.33
N PHE E 279 11.68 42.05 -30.08
CA PHE E 279 11.32 43.08 -29.10
C PHE E 279 12.51 43.89 -28.62
N LEU E 280 13.74 43.41 -28.82
CA LEU E 280 14.93 44.21 -28.57
C LEU E 280 15.46 44.92 -29.82
N LEU E 281 14.85 44.67 -30.98
CA LEU E 281 15.26 45.34 -32.22
C LEU E 281 15.20 46.87 -32.23
N PRO E 282 14.11 47.56 -31.88
CA PRO E 282 14.00 48.98 -32.28
C PRO E 282 14.82 49.96 -31.45
N TYR E 283 15.72 49.49 -30.58
CA TYR E 283 16.71 50.35 -29.95
C TYR E 283 18.06 50.28 -30.65
N ILE E 284 18.14 49.53 -31.75
CA ILE E 284 19.37 49.45 -32.55
C ILE E 284 19.16 50.06 -33.93
N ASN E 285 17.99 49.83 -34.54
CA ASN E 285 17.66 50.41 -35.84
C ASN E 285 16.16 50.60 -35.91
N PRO E 286 15.65 51.78 -35.54
CA PRO E 286 14.20 51.98 -35.41
C PRO E 286 13.47 52.38 -36.69
N ASP E 287 14.14 52.38 -37.84
CA ASP E 287 13.49 52.70 -39.11
C ASP E 287 12.85 51.48 -39.76
N LEU E 288 12.97 50.31 -39.15
CA LEU E 288 12.40 49.09 -39.71
C LEU E 288 10.89 48.98 -39.49
N TYR E 289 10.30 49.86 -38.67
CA TYR E 289 8.93 49.71 -38.22
C TYR E 289 7.93 50.45 -39.10
N LEU E 290 8.25 50.71 -40.36
CA LEU E 290 7.40 51.51 -41.24
C LEU E 290 7.14 50.80 -42.56
N LYS E 291 6.80 49.51 -42.52
CA LYS E 291 6.52 48.73 -43.71
C LYS E 291 5.67 47.53 -43.35
N LYS E 292 5.15 46.85 -44.38
CA LYS E 292 4.37 45.63 -44.16
C LYS E 292 5.25 44.41 -43.88
N PHE E 293 6.54 44.49 -44.20
CA PHE E 293 7.46 43.39 -43.90
C PHE E 293 7.61 43.20 -42.40
N ILE E 294 7.51 44.27 -41.62
CA ILE E 294 7.67 44.11 -40.18
C ILE E 294 6.42 43.48 -39.56
N GLN E 295 5.25 43.65 -40.17
CA GLN E 295 4.09 42.93 -39.63
C GLN E 295 4.07 41.48 -40.09
N GLN E 296 4.65 41.18 -41.26
CA GLN E 296 4.88 39.79 -41.63
C GLN E 296 5.83 39.10 -40.65
N VAL E 297 6.91 39.80 -40.27
CA VAL E 297 7.88 39.28 -39.30
C VAL E 297 7.23 39.10 -37.94
N TYR E 298 6.38 40.05 -37.53
CA TYR E 298 5.70 39.96 -36.24
C TYR E 298 4.74 38.78 -36.19
N LEU E 299 3.97 38.55 -37.26
CA LEU E 299 3.05 37.41 -37.29
C LEU E 299 3.80 36.09 -37.29
N ALA E 300 4.92 36.02 -38.01
CA ALA E 300 5.72 34.80 -38.04
C ALA E 300 6.31 34.48 -36.67
N ILE E 301 6.88 35.48 -36.00
CA ILE E 301 7.47 35.20 -34.69
C ILE E 301 6.40 34.97 -33.64
N MET E 302 5.19 35.52 -33.82
CA MET E 302 4.13 35.26 -32.85
C MET E 302 3.63 33.83 -32.96
N TRP E 303 3.52 33.32 -34.19
CA TRP E 303 3.20 31.91 -34.38
C TRP E 303 4.30 31.01 -33.82
N LEU E 304 5.57 31.38 -34.05
CA LEU E 304 6.68 30.57 -33.56
C LEU E 304 6.76 30.57 -32.03
N ALA E 305 6.45 31.70 -31.39
CA ALA E 305 6.49 31.76 -29.94
C ALA E 305 5.31 31.03 -29.31
N MET E 306 4.11 31.19 -29.88
CA MET E 306 2.94 30.55 -29.30
C MET E 306 2.77 29.09 -29.74
N SER E 307 3.66 28.58 -30.61
CA SER E 307 3.64 27.16 -30.93
C SER E 307 4.22 26.29 -29.82
N SER E 308 4.82 26.87 -28.79
CA SER E 308 5.41 26.09 -27.71
C SER E 308 4.39 25.58 -26.70
N THR E 309 3.12 25.96 -26.84
CA THR E 309 2.09 25.55 -25.90
C THR E 309 1.67 24.09 -26.09
N MET E 310 1.67 23.60 -27.33
CA MET E 310 1.08 22.31 -27.64
C MET E 310 1.95 21.12 -27.27
N TYR E 311 3.22 21.34 -26.92
CA TYR E 311 4.18 20.24 -26.85
C TYR E 311 3.98 19.37 -25.61
N ASN E 312 3.69 19.98 -24.47
CA ASN E 312 3.65 19.25 -23.19
C ASN E 312 2.54 18.19 -23.08
N PRO E 313 1.27 18.42 -23.48
CA PRO E 313 0.33 17.28 -23.48
C PRO E 313 0.70 16.15 -24.41
N ILE E 314 1.37 16.45 -25.53
CA ILE E 314 1.84 15.41 -26.44
C ILE E 314 2.93 14.58 -25.77
N ILE E 315 3.82 15.22 -25.02
CA ILE E 315 4.87 14.52 -24.28
C ILE E 315 4.27 13.64 -23.19
N TYR E 316 3.30 14.17 -22.44
CA TYR E 316 2.66 13.41 -21.37
C TYR E 316 1.84 12.24 -21.92
N CYS E 317 1.25 12.39 -23.10
CA CYS E 317 0.56 11.28 -23.74
C CYS E 317 1.54 10.27 -24.30
N CYS E 318 2.72 10.71 -24.74
CA CYS E 318 3.69 9.80 -25.32
C CYS E 318 4.36 8.92 -24.28
N LEU E 319 4.71 9.49 -23.12
CA LEU E 319 5.52 8.73 -22.17
C LEU E 319 4.68 7.78 -21.32
N ASN E 320 3.78 8.32 -20.49
CA ASN E 320 3.11 7.52 -19.47
C ASN E 320 1.87 6.85 -20.02
N ASP E 321 1.60 5.62 -19.55
CA ASP E 321 0.43 4.87 -20.00
C ASP E 321 -0.83 5.30 -19.27
N ARG E 322 -0.71 5.79 -18.03
CA ARG E 322 -1.89 6.27 -17.30
C ARG E 322 -2.47 7.52 -17.94
N PHE E 323 -1.61 8.40 -18.46
CA PHE E 323 -2.10 9.54 -19.21
C PHE E 323 -2.73 9.11 -20.55
N ARG E 324 -2.23 8.03 -21.15
CA ARG E 324 -2.85 7.48 -22.35
C ARG E 324 -4.25 6.96 -22.05
N LEU E 325 -4.42 6.29 -20.91
CA LEU E 325 -5.75 5.84 -20.50
C LEU E 325 -6.65 7.03 -20.16
N GLY E 326 -6.06 8.11 -19.64
CA GLY E 326 -6.84 9.32 -19.39
C GLY E 326 -7.34 9.98 -20.66
N PHE E 327 -6.48 10.10 -21.68
CA PHE E 327 -6.91 10.61 -22.98
C PHE E 327 -7.91 9.67 -23.66
N LYS E 328 -7.77 8.36 -23.45
CA LYS E 328 -8.73 7.43 -24.04
C LYS E 328 -10.10 7.53 -23.37
N HIS E 329 -10.13 7.71 -22.04
CA HIS E 329 -11.39 7.84 -21.33
C HIS E 329 -12.02 9.21 -21.54
N ALA E 330 -11.20 10.26 -21.75
CA ALA E 330 -11.74 11.60 -21.91
C ALA E 330 -12.38 11.79 -23.28
N PHE E 331 -11.91 11.08 -24.29
CA PHE E 331 -12.46 11.21 -25.63
C PHE E 331 -13.57 10.18 -25.86
N ARG F 1 0.44 59.32 -31.96
CA ARG F 1 1.37 60.34 -31.48
C ARG F 1 2.82 60.27 -32.06
N PRO F 2 3.51 59.07 -32.09
CA PRO F 2 4.86 59.09 -32.68
C PRO F 2 4.87 59.29 -34.19
N LYS F 3 4.06 58.50 -34.90
CA LYS F 3 4.02 58.55 -36.35
C LYS F 3 2.71 57.93 -36.81
N PRO F 4 2.16 58.36 -37.95
CA PRO F 4 0.97 57.71 -38.50
C PRO F 4 1.23 56.45 -39.31
N GLN F 5 2.44 55.90 -39.28
CA GLN F 5 2.77 54.71 -40.04
C GLN F 5 3.42 53.62 -39.18
N GLN F 6 3.45 53.78 -37.86
CA GLN F 6 4.05 52.79 -36.99
C GLN F 6 3.13 51.57 -36.87
N PHE F 7 3.71 50.46 -36.43
CA PHE F 7 2.96 49.19 -36.33
C PHE F 7 2.39 48.93 -34.93
N PHE F 8 3.11 49.29 -33.87
CA PHE F 8 2.73 49.10 -32.46
C PHE F 8 2.49 47.62 -32.14
N GLY F 9 3.58 46.85 -32.17
CA GLY F 9 3.50 45.47 -31.75
C GLY F 9 3.32 45.34 -30.24
N LEU F 10 2.68 44.25 -29.83
CA LEU F 10 2.38 43.99 -28.44
C LEU F 10 2.84 42.59 -28.05
N MET F 11 3.02 42.37 -26.75
CA MET F 11 3.40 41.06 -26.24
C MET F 11 2.17 40.16 -26.04
N NH2 F 12 0.95 40.70 -26.15
#